data_1NGM
#
_entry.id   1NGM
#
_cell.length_a   93.610
_cell.length_b   152.600
_cell.length_c   256.638
_cell.angle_alpha   90.00
_cell.angle_beta   90.00
_cell.angle_gamma   90.00
#
_symmetry.space_group_name_H-M   'P 21 21 2'
#
loop_
_entity.id
_entity.type
_entity.pdbx_description
1 polymer "5'-D(*CP*TP*AP*TP*AP*AP*AP*AP*AP*AP*AP*TP*GP*TP*TP*TP*TP*TP*T)-3'"
2 polymer "5'-D(*AP*AP*AP*AP*AP*AP*CP*AP*TP*TP*TP*TP*TP*TP*TP*AP*TP*AP*G)-3'"
3 polymer 'Transcription initiation factor TFIID'
4 polymer 'Transcription factor IIIB BRF1 subunit'
#
loop_
_entity_poly.entity_id
_entity_poly.type
_entity_poly.pdbx_seq_one_letter_code
_entity_poly.pdbx_strand_id
1 'polydeoxyribonucleotide' (DC)(DT)(DA)(DT)(DA)(DA)(DA)(DA)(DA)(DA)(DA)(DT)(DG)(DT)(DT)(DT)(DT)(DT)(DT) C,G,K,O
2 'polydeoxyribonucleotide' (DA)(DA)(DA)(DA)(DA)(DA)(DC)(DA)(DT)(DT)(DT)(DT)(DT)(DT)(DT)(DA)(DT)(DA)(DG) D,H,L,P
3 'polypeptide(L)'
;SGIVPTLQNIVATVTLGCRLDLKTVALHARNAEYNPKRFAAVIMRIREPKTTALIFASGKMVVTGAKSEDDSKLASRKYA
RIIQKIGFAAKFTDFKIQNIVGSCDVKFPIRLEGLAFSHGTFSSYEPELFPGLIYRMVKPKIVLLIFVSGKIVLTGAKQR
EEIYQAFEAIYPVLSEFRKM
;
A,E,I,M
4 'polypeptide(L)' GSYCPRNLHLLPTTDTYLSKVSDDPDNLEDVDDEELNAHLLNEEASKLKERIWIGLNADFLLEQESKRLKQE B,F,J,N
#
# COMPACT_ATOMS: atom_id res chain seq x y z
N SER I 1 112.31 23.39 40.45
CA SER I 1 113.76 23.16 40.19
C SER I 1 114.55 23.05 41.49
N GLY I 2 114.52 24.11 42.29
CA GLY I 2 115.28 24.17 43.53
C GLY I 2 114.42 24.14 44.79
N ILE I 3 113.10 24.08 44.61
CA ILE I 3 112.14 24.07 45.71
C ILE I 3 111.34 22.76 45.76
N VAL I 4 110.86 22.40 46.95
CA VAL I 4 110.13 21.15 47.17
C VAL I 4 108.98 21.36 48.15
N PRO I 5 107.76 21.11 47.68
CA PRO I 5 106.51 21.34 48.44
C PRO I 5 106.51 20.94 49.91
N THR I 6 106.10 21.85 50.79
CA THR I 6 105.94 21.57 52.22
C THR I 6 104.55 21.02 52.57
N LEU I 7 104.51 19.83 53.16
CA LEU I 7 103.26 19.24 53.62
C LEU I 7 102.72 20.05 54.79
N GLN I 8 101.62 20.76 54.56
CA GLN I 8 101.02 21.57 55.60
C GLN I 8 99.77 20.88 56.14
N ASN I 9 99.38 19.78 55.51
CA ASN I 9 98.14 19.10 55.85
C ASN I 9 97.98 17.72 55.20
N ILE I 10 97.58 16.75 56.02
CA ILE I 10 97.33 15.40 55.56
C ILE I 10 96.03 14.89 56.16
N VAL I 11 95.21 14.28 55.33
CA VAL I 11 94.01 13.61 55.84
C VAL I 11 94.30 12.13 56.03
N ALA I 12 93.78 11.57 57.13
CA ALA I 12 93.92 10.16 57.45
C ALA I 12 92.55 9.58 57.74
N THR I 13 92.18 8.51 57.02
CA THR I 13 91.00 7.72 57.36
C THR I 13 91.42 6.38 58.00
N VAL I 14 90.62 5.93 58.97
CA VAL I 14 90.92 4.73 59.74
C VAL I 14 89.64 4.07 60.23
N THR I 15 89.66 2.74 60.23
CA THR I 15 88.56 1.93 60.76
C THR I 15 88.95 1.33 62.12
N LEU I 16 88.01 1.33 63.06
CA LEU I 16 88.20 0.63 64.35
C LEU I 16 87.31 -0.63 64.47
N GLY I 17 86.46 -0.85 63.49
CA GLY I 17 85.69 -2.08 63.36
C GLY I 17 84.79 -2.42 64.53
N CYS I 18 83.95 -1.48 64.93
CA CYS I 18 82.87 -1.70 65.91
C CYS I 18 81.93 -0.50 65.94
N ARG I 19 80.62 -0.74 65.86
CA ARG I 19 79.63 0.33 66.01
C ARG I 19 79.55 0.76 67.48
N LEU I 20 80.33 1.77 67.82
CA LEU I 20 80.45 2.26 69.20
C LEU I 20 79.63 3.52 69.45
N ASP I 21 78.94 3.55 70.60
CA ASP I 21 78.07 4.65 70.99
C ASP I 21 78.86 5.94 71.25
N LEU I 22 78.43 7.03 70.59
CA LEU I 22 79.09 8.32 70.70
C LEU I 22 78.89 8.92 72.08
N LYS I 23 77.64 8.94 72.53
CA LYS I 23 77.28 9.49 73.83
C LYS I 23 78.41 9.31 74.85
N THR I 24 78.85 8.06 75.01
CA THR I 24 79.88 7.73 75.99
C THR I 24 81.24 8.31 75.62
N VAL I 25 81.65 8.16 74.36
CA VAL I 25 82.99 8.60 73.91
C VAL I 25 83.30 10.02 74.35
N ALA I 26 82.41 10.95 74.02
CA ALA I 26 82.59 12.34 74.37
C ALA I 26 82.66 12.53 75.88
N LEU I 27 81.70 11.99 76.63
CA LEU I 27 81.67 12.17 78.09
C LEU I 27 82.83 11.47 78.81
N HIS I 28 83.84 11.09 78.03
CA HIS I 28 85.11 10.57 78.52
C HIS I 28 86.27 11.05 77.65
N ALA I 29 86.72 12.28 77.92
CA ALA I 29 87.80 12.93 77.17
C ALA I 29 87.82 14.43 77.43
N ARG I 30 89.01 15.01 77.34
CA ARG I 30 89.22 16.44 77.52
C ARG I 30 88.61 17.21 76.36
N ASN I 31 88.90 16.75 75.15
CA ASN I 31 88.36 17.35 73.93
C ASN I 31 87.11 16.57 73.52
N ALA I 32 85.95 17.06 73.96
CA ALA I 32 84.72 16.29 73.81
C ALA I 32 83.51 17.08 73.30
N GLU I 33 83.54 17.36 72.00
CA GLU I 33 82.44 18.08 71.35
C GLU I 33 81.52 17.14 70.57
N TYR I 34 80.47 16.70 71.25
CA TYR I 34 79.39 15.97 70.63
C TYR I 34 78.18 16.90 70.55
N ASN I 35 77.84 17.27 69.32
CA ASN I 35 76.62 18.02 69.02
C ASN I 35 75.90 17.26 67.92
N PRO I 36 75.01 16.34 68.30
CA PRO I 36 74.38 15.43 67.33
C PRO I 36 73.34 16.15 66.46
N LYS I 37 72.88 17.30 66.93
CA LYS I 37 72.07 18.21 66.11
C LYS I 37 72.94 18.85 65.03
N ARG I 38 74.18 19.16 65.39
CA ARG I 38 75.19 19.66 64.44
C ARG I 38 75.81 18.48 63.69
N PHE I 39 77.09 18.22 63.90
CA PHE I 39 77.72 17.10 63.22
C PHE I 39 77.39 15.80 63.96
N ALA I 40 77.25 14.72 63.19
CA ALA I 40 76.95 13.40 63.74
C ALA I 40 78.17 12.69 64.38
N ALA I 41 79.19 13.46 64.77
CA ALA I 41 80.44 12.89 65.31
C ALA I 41 80.97 13.58 66.55
N VAL I 42 82.01 12.99 67.15
CA VAL I 42 82.73 13.57 68.29
C VAL I 42 84.02 14.22 67.80
N ILE I 43 84.42 15.30 68.48
CA ILE I 43 85.62 16.04 68.10
C ILE I 43 86.68 16.08 69.21
N MET I 44 87.75 15.32 69.00
CA MET I 44 88.92 15.33 69.88
C MET I 44 90.09 15.95 69.14
N ARG I 45 90.59 17.08 69.67
CA ARG I 45 91.65 17.85 68.99
C ARG I 45 92.99 17.74 69.68
N ILE I 46 93.49 16.52 69.85
CA ILE I 46 94.79 16.23 70.51
C ILE I 46 95.94 17.23 70.25
N ARG I 47 96.93 17.21 71.16
CA ARG I 47 98.07 18.13 71.15
C ARG I 47 99.34 17.64 70.40
N GLU I 48 99.75 16.40 70.67
CA GLU I 48 100.89 15.75 70.01
C GLU I 48 100.45 14.36 69.54
N PRO I 49 100.66 14.03 68.27
CA PRO I 49 101.26 14.90 67.26
C PRO I 49 100.28 15.79 66.47
N LYS I 50 99.53 16.63 67.18
CA LYS I 50 98.72 17.71 66.60
C LYS I 50 97.75 17.30 65.48
N THR I 51 96.49 17.03 65.83
CA THR I 51 95.43 16.79 64.85
C THR I 51 94.07 17.36 65.27
N THR I 52 93.00 16.70 64.86
CA THR I 52 91.62 17.11 65.18
C THR I 52 90.66 15.92 65.07
N ALA I 53 90.81 15.13 64.01
CA ALA I 53 90.00 13.93 63.80
C ALA I 53 88.50 14.19 63.86
N LEU I 54 87.73 13.10 63.93
CA LEU I 54 86.27 13.12 63.87
C LEU I 54 85.79 11.68 63.98
N ILE I 55 85.46 11.23 65.19
CA ILE I 55 85.02 9.84 65.40
C ILE I 55 83.54 9.56 65.05
N PHE I 56 83.31 8.44 64.38
CA PHE I 56 81.98 8.04 63.93
C PHE I 56 81.47 6.80 64.65
N ALA I 57 80.20 6.85 65.06
CA ALA I 57 79.55 5.77 65.80
C ALA I 57 79.53 4.40 65.09
N SER I 58 80.12 4.34 63.89
CA SER I 58 80.35 3.06 63.21
C SER I 58 81.78 2.60 63.45
N GLY I 59 82.65 3.55 63.80
CA GLY I 59 84.01 3.22 64.20
C GLY I 59 85.09 3.61 63.20
N LYS I 60 84.82 4.60 62.35
CA LYS I 60 85.78 4.99 61.31
C LYS I 60 85.98 6.51 61.22
N MET I 61 86.75 7.02 62.16
CA MET I 61 87.02 8.46 62.28
C MET I 61 87.68 9.10 61.06
N VAL I 62 87.62 10.43 61.00
CA VAL I 62 88.32 11.19 59.97
C VAL I 62 89.42 12.03 60.60
N VAL I 63 90.61 11.46 60.68
CA VAL I 63 91.74 12.15 61.27
C VAL I 63 92.41 13.13 60.28
N THR I 64 92.15 14.43 60.51
CA THR I 64 92.71 15.53 59.71
C THR I 64 93.57 16.45 60.57
N GLY I 65 94.83 16.63 60.19
CA GLY I 65 95.70 17.55 60.88
C GLY I 65 97.20 17.38 60.65
N ALA I 66 97.63 16.16 60.38
CA ALA I 66 99.07 15.85 60.33
C ALA I 66 99.92 16.81 59.50
N LYS I 67 101.15 17.04 59.96
CA LYS I 67 102.12 17.81 59.20
C LYS I 67 102.90 16.87 58.28
N SER I 68 102.91 15.59 58.64
CA SER I 68 103.69 14.56 57.93
C SER I 68 102.96 13.22 57.75
N GLU I 69 103.71 12.12 57.91
CA GLU I 69 103.17 10.77 57.88
C GLU I 69 103.56 10.02 59.17
N ASP I 70 104.60 10.49 59.86
CA ASP I 70 104.85 10.09 61.24
C ASP I 70 103.64 10.49 62.07
N ASP I 71 103.35 11.79 62.10
CA ASP I 71 102.17 12.33 62.78
C ASP I 71 100.87 11.61 62.41
N SER I 72 100.45 11.67 61.14
CA SER I 72 99.11 11.23 60.73
C SER I 72 98.77 9.81 61.13
N LYS I 73 99.77 8.92 61.11
CA LYS I 73 99.60 7.55 61.59
C LYS I 73 99.46 7.51 63.11
N LEU I 74 100.25 8.30 63.82
CA LEU I 74 100.18 8.34 65.29
C LEU I 74 98.97 9.12 65.79
N ALA I 75 98.65 10.22 65.12
CA ALA I 75 97.44 10.99 65.41
C ALA I 75 96.26 10.05 65.56
N SER I 76 96.09 9.15 64.59
CA SER I 76 94.98 8.23 64.57
C SER I 76 95.22 7.03 65.51
N ARG I 77 96.47 6.85 65.94
CA ARG I 77 96.85 5.78 66.87
C ARG I 77 96.53 6.18 68.30
N LYS I 78 96.35 7.47 68.52
CA LYS I 78 96.15 8.01 69.85
C LYS I 78 94.67 8.03 70.26
N TYR I 79 93.78 7.91 69.29
CA TYR I 79 92.35 7.81 69.56
C TYR I 79 92.04 6.36 69.77
N ALA I 80 92.98 5.53 69.35
CA ALA I 80 92.93 4.08 69.50
C ALA I 80 93.45 3.64 70.87
N ARG I 81 94.03 4.57 71.63
CA ARG I 81 94.37 4.28 73.01
C ARG I 81 93.27 4.79 73.94
N ILE I 82 92.60 5.87 73.55
CA ILE I 82 91.55 6.48 74.36
C ILE I 82 90.27 5.65 74.33
N ILE I 83 89.74 5.43 73.12
CA ILE I 83 88.53 4.61 72.90
C ILE I 83 88.72 3.21 73.46
N GLN I 84 89.97 2.73 73.42
CA GLN I 84 90.36 1.48 74.06
C GLN I 84 90.30 1.59 75.59
N LYS I 85 90.97 2.60 76.13
CA LYS I 85 91.09 2.77 77.58
C LYS I 85 89.79 3.20 78.23
N ILE I 86 88.80 3.60 77.43
CA ILE I 86 87.47 3.89 77.96
C ILE I 86 86.72 2.58 78.26
N GLY I 87 85.96 2.06 77.29
CA GLY I 87 85.18 0.86 77.50
C GLY I 87 84.88 0.01 76.28
N PHE I 88 85.51 0.33 75.15
CA PHE I 88 85.23 -0.30 73.87
C PHE I 88 86.37 -1.22 73.38
N ALA I 89 86.03 -2.20 72.55
CA ALA I 89 87.04 -3.05 71.91
C ALA I 89 87.84 -2.22 70.90
N ALA I 90 87.43 -2.23 69.63
CA ALA I 90 87.93 -1.30 68.60
C ALA I 90 89.45 -1.29 68.31
N LYS I 91 89.81 -1.93 67.20
CA LYS I 91 91.20 -2.09 66.76
C LYS I 91 91.70 -0.89 65.96
N PHE I 92 92.92 -0.97 65.42
CA PHE I 92 93.42 0.04 64.50
C PHE I 92 93.65 -0.57 63.12
N THR I 93 92.63 -0.50 62.28
CA THR I 93 92.64 -1.19 60.99
C THR I 93 92.63 -0.21 59.82
N ASP I 94 93.32 -0.61 58.74
CA ASP I 94 93.37 0.14 57.47
C ASP I 94 93.62 1.64 57.61
N PHE I 95 94.85 2.02 57.95
CA PHE I 95 95.23 3.41 57.93
C PHE I 95 95.43 3.89 56.50
N LYS I 96 94.39 4.48 55.93
CA LYS I 96 94.46 5.02 54.58
C LYS I 96 94.58 6.54 54.64
N ILE I 97 95.53 7.11 53.89
CA ILE I 97 95.63 8.56 53.78
C ILE I 97 94.94 9.02 52.51
N GLN I 98 93.84 9.75 52.69
CA GLN I 98 92.99 10.18 51.59
C GLN I 98 93.58 11.40 50.85
N ASN I 99 94.04 12.37 51.62
CA ASN I 99 94.64 13.56 51.02
C ASN I 99 95.94 14.03 51.68
N ILE I 100 96.78 14.62 50.85
CA ILE I 100 97.92 15.37 51.32
C ILE I 100 97.83 16.75 50.66
N VAL I 101 98.25 17.78 51.38
CA VAL I 101 98.25 19.14 50.85
C VAL I 101 99.69 19.60 50.75
N GLY I 102 99.95 20.54 49.84
CA GLY I 102 101.27 21.14 49.68
C GLY I 102 101.27 22.65 49.60
N SER I 103 102.48 23.22 49.61
CA SER I 103 102.69 24.64 49.41
C SER I 103 104.18 25.00 49.37
N CYS I 104 104.43 26.24 48.97
CA CYS I 104 105.77 26.83 48.91
C CYS I 104 105.68 28.21 48.26
N ASP I 105 106.83 28.86 48.11
CA ASP I 105 106.93 30.14 47.40
C ASP I 105 108.03 30.07 46.33
N VAL I 106 107.63 30.24 45.08
CA VAL I 106 108.58 30.22 43.98
C VAL I 106 109.36 31.53 43.86
N LYS I 107 109.06 32.46 44.77
CA LYS I 107 109.84 33.69 45.00
C LYS I 107 109.87 34.74 43.86
N PHE I 108 108.87 34.68 42.97
CA PHE I 108 108.66 35.73 41.96
C PHE I 108 107.16 35.86 41.56
N PRO I 109 106.73 37.07 41.14
CA PRO I 109 105.36 37.28 40.67
C PRO I 109 105.03 36.37 39.49
N ILE I 110 103.80 35.85 39.44
CA ILE I 110 103.39 34.97 38.34
C ILE I 110 102.11 35.46 37.66
N ARG I 111 102.19 35.69 36.35
CA ARG I 111 101.02 36.10 35.58
C ARG I 111 100.03 34.93 35.43
N LEU I 112 98.74 35.24 35.48
CA LEU I 112 97.70 34.21 35.48
C LEU I 112 96.70 34.40 34.36
N GLU I 113 96.55 35.64 33.88
CA GLU I 113 95.64 35.99 32.79
C GLU I 113 96.11 35.45 31.44
N GLY I 114 97.37 35.01 31.39
CA GLY I 114 97.97 34.44 30.19
C GLY I 114 98.18 32.94 30.27
N LEU I 115 98.41 32.43 31.48
CA LEU I 115 98.42 30.99 31.73
C LEU I 115 97.10 30.36 31.29
N ALA I 116 96.01 31.11 31.47
CA ALA I 116 94.68 30.69 31.05
C ALA I 116 94.53 30.56 29.54
N PHE I 117 95.49 31.09 28.78
CA PHE I 117 95.48 30.96 27.32
C PHE I 117 96.11 29.64 26.87
N SER I 118 97.40 29.47 27.15
CA SER I 118 98.16 28.32 26.68
C SER I 118 97.67 27.04 27.34
N HIS I 119 97.86 26.96 28.65
CA HIS I 119 97.48 25.78 29.42
C HIS I 119 96.05 25.90 29.97
N GLY I 120 95.20 26.62 29.23
CA GLY I 120 93.81 26.84 29.62
C GLY I 120 92.87 25.69 29.31
N THR I 121 93.43 24.63 28.73
CA THR I 121 92.72 23.37 28.54
C THR I 121 92.72 22.57 29.84
N PHE I 122 93.60 22.96 30.77
CA PHE I 122 93.71 22.36 32.09
C PHE I 122 93.22 23.32 33.18
N SER I 123 92.94 24.57 32.77
CA SER I 123 92.78 25.68 33.73
C SER I 123 91.40 26.35 33.76
N SER I 124 91.12 26.99 34.90
CA SER I 124 89.93 27.82 35.10
C SER I 124 90.25 28.98 36.04
N TYR I 125 90.29 30.19 35.49
CA TYR I 125 90.67 31.39 36.25
C TYR I 125 89.66 32.52 36.11
N GLU I 126 88.93 32.79 37.19
CA GLU I 126 88.05 33.96 37.29
C GLU I 126 88.61 34.91 38.36
N PRO I 127 89.11 36.07 37.92
CA PRO I 127 89.92 36.96 38.77
C PRO I 127 89.23 37.40 40.07
N GLU I 128 88.08 38.05 39.96
CA GLU I 128 87.41 38.63 41.12
C GLU I 128 86.51 37.62 41.87
N LEU I 129 86.48 36.38 41.39
CA LEU I 129 85.81 35.28 42.08
C LEU I 129 86.76 34.69 43.12
N PHE I 130 87.98 34.37 42.67
CA PHE I 130 89.02 33.79 43.51
C PHE I 130 90.37 34.11 42.86
N PRO I 131 91.23 34.86 43.58
CA PRO I 131 92.44 35.42 42.98
C PRO I 131 93.41 34.36 42.47
N GLY I 132 93.15 33.11 42.83
CA GLY I 132 94.01 32.01 42.42
C GLY I 132 93.65 31.44 41.07
N LEU I 133 94.61 30.77 40.45
CA LEU I 133 94.40 30.08 39.19
C LEU I 133 94.42 28.57 39.46
N ILE I 134 93.32 27.89 39.12
CA ILE I 134 93.19 26.45 39.38
C ILE I 134 93.75 25.60 38.23
N TYR I 135 94.75 24.78 38.56
CA TYR I 135 95.37 23.87 37.59
C TYR I 135 94.94 22.43 37.83
N ARG I 136 94.15 21.90 36.89
CA ARG I 136 93.71 20.52 36.94
C ARG I 136 94.70 19.62 36.19
N MET I 137 95.60 18.99 36.95
CA MET I 137 96.62 18.10 36.38
C MET I 137 96.14 16.65 36.35
N VAL I 138 96.54 15.94 35.30
CA VAL I 138 96.08 14.58 35.06
C VAL I 138 97.08 13.52 35.55
N LYS I 139 98.35 13.72 35.23
CA LYS I 139 99.38 12.72 35.52
C LYS I 139 100.53 13.31 36.32
N PRO I 140 100.48 13.17 37.65
CA PRO I 140 99.34 12.57 38.36
C PRO I 140 98.25 13.58 38.73
N LYS I 141 97.09 13.07 39.12
CA LYS I 141 95.89 13.87 39.36
C LYS I 141 95.97 14.67 40.67
N ILE I 142 96.75 15.74 40.64
CA ILE I 142 96.93 16.61 41.82
C ILE I 142 96.64 18.07 41.46
N VAL I 143 95.72 18.69 42.19
CA VAL I 143 95.23 20.02 41.87
C VAL I 143 96.07 21.13 42.49
N LEU I 144 96.64 21.95 41.61
CA LEU I 144 97.48 23.06 42.01
C LEU I 144 96.65 24.33 42.09
N LEU I 145 96.99 25.19 43.06
CA LEU I 145 96.43 26.54 43.14
C LEU I 145 97.58 27.55 43.02
N ILE I 146 97.58 28.32 41.93
CA ILE I 146 98.68 29.21 41.55
C ILE I 146 98.33 30.69 41.79
N PHE I 147 98.83 31.26 42.87
CA PHE I 147 98.45 32.63 43.25
C PHE I 147 99.37 33.68 42.62
N VAL I 148 98.86 34.92 42.54
CA VAL I 148 99.55 36.05 41.88
C VAL I 148 100.98 36.28 42.39
N SER I 149 101.16 36.22 43.71
CA SER I 149 102.45 36.46 44.34
C SER I 149 103.50 35.42 43.92
N GLY I 150 103.07 34.18 43.74
CA GLY I 150 103.95 33.09 43.36
C GLY I 150 103.85 31.89 44.28
N LYS I 151 102.84 31.90 45.15
CA LYS I 151 102.64 30.83 46.10
C LYS I 151 101.61 29.80 45.60
N ILE I 152 101.98 28.53 45.70
CA ILE I 152 101.20 27.41 45.14
C ILE I 152 100.68 26.47 46.22
N VAL I 153 99.38 26.16 46.16
CA VAL I 153 98.79 25.08 46.97
C VAL I 153 98.76 23.85 46.08
N LEU I 154 99.27 22.73 46.57
CA LEU I 154 99.34 21.48 45.79
C LEU I 154 98.57 20.31 46.41
N THR I 155 97.39 20.62 46.91
CA THR I 155 96.47 19.63 47.46
C THR I 155 96.07 18.61 46.38
N GLY I 156 95.92 17.35 46.75
CA GLY I 156 95.41 16.35 45.83
C GLY I 156 95.84 14.92 46.13
N ALA I 157 97.14 14.68 46.07
CA ALA I 157 97.71 13.31 46.09
C ALA I 157 97.66 12.54 47.42
N LYS I 158 97.86 11.22 47.33
CA LYS I 158 97.87 10.29 48.47
C LYS I 158 99.27 9.78 48.80
N GLN I 159 100.21 9.95 47.85
CA GLN I 159 101.62 9.72 48.11
C GLN I 159 102.35 11.04 48.04
N ARG I 160 103.37 11.19 48.90
CA ARG I 160 104.17 12.41 49.01
C ARG I 160 104.94 12.69 47.71
N GLU I 161 105.52 11.62 47.15
CA GLU I 161 106.29 11.65 45.91
C GLU I 161 105.45 12.16 44.75
N GLU I 162 104.17 11.80 44.76
CA GLU I 162 103.21 12.32 43.80
C GLU I 162 103.26 13.84 43.81
N ILE I 163 102.86 14.45 44.92
CA ILE I 163 102.82 15.91 45.05
C ILE I 163 104.09 16.59 44.48
N TYR I 164 105.25 16.08 44.87
CA TYR I 164 106.55 16.65 44.47
C TYR I 164 106.75 16.67 42.95
N GLN I 165 106.22 15.66 42.25
CA GLN I 165 106.27 15.64 40.81
C GLN I 165 105.41 16.73 40.19
N ALA I 166 104.34 17.10 40.90
CA ALA I 166 103.39 18.11 40.43
C ALA I 166 103.97 19.51 40.48
N PHE I 167 104.96 19.71 41.34
CA PHE I 167 105.70 20.96 41.44
C PHE I 167 106.75 21.02 40.32
N GLU I 168 107.51 19.94 40.19
CA GLU I 168 108.57 19.82 39.19
C GLU I 168 108.01 19.97 37.78
N ALA I 169 106.87 19.31 37.53
CA ALA I 169 106.24 19.33 36.22
C ALA I 169 105.77 20.73 35.82
N ILE I 170 105.09 21.42 36.74
CA ILE I 170 104.55 22.76 36.49
C ILE I 170 105.60 23.88 36.52
N TYR I 171 106.82 23.56 36.94
CA TYR I 171 107.83 24.60 37.11
C TYR I 171 108.23 25.37 35.84
N PRO I 172 108.70 24.69 34.77
CA PRO I 172 109.10 25.41 33.55
C PRO I 172 107.94 26.23 32.98
N VAL I 173 106.74 26.01 33.50
CA VAL I 173 105.54 26.79 33.14
C VAL I 173 105.36 27.99 34.08
N LEU I 174 105.69 27.80 35.36
CA LEU I 174 105.71 28.91 36.33
C LEU I 174 106.86 29.88 36.03
N SER I 175 107.85 29.40 35.26
CA SER I 175 109.01 30.20 34.86
C SER I 175 108.73 31.03 33.62
N GLU I 176 107.97 30.45 32.68
CA GLU I 176 107.64 31.11 31.42
C GLU I 176 106.67 32.27 31.59
N PHE I 177 105.71 32.09 32.49
CA PHE I 177 104.66 33.07 32.76
C PHE I 177 105.00 33.88 34.01
N ARG I 178 105.49 35.11 33.81
CA ARG I 178 106.02 35.93 34.92
C ARG I 178 105.87 37.43 34.70
N LYS I 179 106.18 38.20 35.74
CA LYS I 179 106.23 39.66 35.68
C LYS I 179 107.67 40.11 35.90
N MET I 180 108.39 40.35 34.80
CA MET I 180 109.82 40.69 34.86
C MET I 180 110.09 42.12 35.32
N GLY J 1 117.58 20.24 40.95
CA GLY J 1 118.64 21.15 40.45
C GLY J 1 118.17 22.15 39.40
N SER J 2 119.07 23.07 39.05
CA SER J 2 118.77 24.13 38.07
C SER J 2 119.06 23.73 36.61
N TYR J 3 119.99 22.80 36.41
CA TYR J 3 120.25 22.22 35.09
C TYR J 3 119.46 20.91 34.93
N CYS J 4 120.15 19.79 34.73
CA CYS J 4 119.47 18.51 34.48
C CYS J 4 118.55 18.14 35.64
N PRO J 5 117.32 17.74 35.31
CA PRO J 5 116.19 17.74 36.25
C PRO J 5 116.38 16.93 37.53
N ARG J 6 115.35 16.99 38.36
CA ARG J 6 115.32 16.34 39.67
C ARG J 6 115.27 14.82 39.55
N ASN J 7 116.08 14.16 40.37
CA ASN J 7 116.07 12.71 40.47
C ASN J 7 114.90 12.24 41.33
N LEU J 8 114.10 11.34 40.76
CA LEU J 8 112.84 10.87 41.35
C LEU J 8 112.97 10.47 42.83
N HIS J 9 113.70 9.38 43.07
CA HIS J 9 113.87 8.88 44.42
C HIS J 9 115.20 9.33 45.06
N LEU J 10 115.34 10.63 45.20
CA LEU J 10 116.36 11.21 46.07
C LEU J 10 115.63 12.14 47.05
N LEU J 11 114.30 12.21 46.86
CA LEU J 11 113.39 12.90 47.77
C LEU J 11 112.68 11.85 48.63
N PRO J 12 112.28 12.23 49.84
CA PRO J 12 111.58 11.31 50.75
C PRO J 12 110.22 10.84 50.23
N THR J 13 109.86 9.61 50.60
CA THR J 13 108.57 9.03 50.23
C THR J 13 107.65 8.96 51.44
N THR J 14 106.36 9.19 51.24
CA THR J 14 105.37 8.99 52.31
C THR J 14 105.54 7.61 52.94
N ASP J 15 105.85 6.63 52.08
CA ASP J 15 106.01 5.22 52.48
C ASP J 15 107.24 4.95 53.35
N THR J 16 108.16 5.92 53.45
CA THR J 16 109.21 5.86 54.47
C THR J 16 108.78 6.58 55.74
N TYR J 17 107.75 7.41 55.61
CA TYR J 17 107.22 8.20 56.74
C TYR J 17 106.04 7.50 57.39
N LEU J 18 105.58 6.42 56.76
CA LEU J 18 104.59 5.53 57.36
C LEU J 18 105.28 4.37 58.07
N SER J 19 106.27 3.78 57.39
CA SER J 19 107.00 2.64 57.94
C SER J 19 107.85 3.03 59.16
N LYS J 20 107.84 4.32 59.48
CA LYS J 20 108.51 4.85 60.67
C LYS J 20 107.62 4.70 61.93
N VAL J 21 106.31 4.55 61.72
CA VAL J 21 105.34 4.38 62.81
C VAL J 21 104.79 2.95 62.89
N SER J 22 104.59 2.49 64.11
CA SER J 22 104.12 1.13 64.41
C SER J 22 102.79 0.76 63.74
N ASP J 23 102.67 -0.53 63.39
CA ASP J 23 101.53 -1.05 62.64
C ASP J 23 100.62 -1.95 63.46
N ASP J 24 101.08 -2.37 64.63
CA ASP J 24 100.30 -3.22 65.55
C ASP J 24 98.86 -2.71 65.73
N PRO J 25 97.89 -3.46 65.20
CA PRO J 25 96.48 -3.05 65.27
C PRO J 25 95.81 -3.36 66.62
N ASP J 26 96.31 -4.38 67.33
CA ASP J 26 95.79 -4.78 68.63
C ASP J 26 96.52 -4.06 69.77
N ASN J 27 97.84 -4.17 69.77
CA ASN J 27 98.72 -3.60 70.80
C ASN J 27 99.17 -2.17 70.48
N LEU J 28 98.21 -1.25 70.50
CA LEU J 28 98.46 0.18 70.35
C LEU J 28 99.00 0.76 71.66
N GLU J 29 99.68 -0.09 72.42
CA GLU J 29 100.24 0.24 73.72
C GLU J 29 101.72 0.61 73.60
N ASP J 30 102.03 1.48 72.64
CA ASP J 30 103.38 1.97 72.40
C ASP J 30 103.38 3.49 72.18
N VAL J 31 102.21 4.10 72.26
CA VAL J 31 102.08 5.55 72.15
C VAL J 31 101.56 6.20 73.45
N ASP J 32 101.56 5.42 74.54
CA ASP J 32 101.18 5.92 75.86
C ASP J 32 102.34 6.74 76.47
N ASP J 33 102.02 7.95 76.92
CA ASP J 33 103.01 8.90 77.44
C ASP J 33 102.41 9.96 78.38
N GLU J 34 101.54 9.54 79.29
CA GLU J 34 100.97 10.38 80.35
C GLU J 34 99.94 11.44 79.90
N GLU J 35 100.35 12.32 78.99
CA GLU J 35 99.45 13.33 78.41
C GLU J 35 98.29 12.66 77.67
N LEU J 36 98.62 11.64 76.89
CA LEU J 36 97.61 10.80 76.25
C LEU J 36 96.79 10.15 77.34
N ASN J 37 97.47 9.55 78.31
CA ASN J 37 96.80 8.88 79.43
C ASN J 37 96.00 9.86 80.33
N ALA J 38 95.91 11.11 79.90
CA ALA J 38 95.19 12.17 80.63
C ALA J 38 94.02 12.77 79.83
N HIS J 39 93.66 12.15 78.71
CA HIS J 39 92.50 12.56 77.91
C HIS J 39 91.24 11.79 78.35
N LEU J 40 91.29 11.21 79.53
CA LEU J 40 90.21 10.33 79.99
C LEU J 40 89.81 10.71 81.41
N LEU J 41 88.83 11.61 81.51
CA LEU J 41 88.42 12.21 82.78
C LEU J 41 87.74 11.21 83.72
N ASN J 42 87.89 11.45 85.02
CA ASN J 42 87.41 10.52 86.05
C ASN J 42 85.89 10.54 86.28
N GLU J 43 85.47 10.18 87.50
CA GLU J 43 84.05 10.13 87.86
C GLU J 43 83.50 11.54 88.08
N GLU J 44 83.97 12.20 89.14
CA GLU J 44 83.54 13.55 89.47
C GLU J 44 83.62 14.51 88.29
N ALA J 45 84.63 14.31 87.45
CA ALA J 45 84.87 15.14 86.27
C ALA J 45 84.01 14.75 85.07
N SER J 46 83.78 13.44 84.89
CA SER J 46 82.91 12.94 83.82
C SER J 46 81.45 13.21 84.12
N LYS J 47 81.10 13.19 85.41
CA LYS J 47 79.74 13.44 85.88
C LYS J 47 79.29 14.85 85.59
N LEU J 48 80.25 15.78 85.65
CA LEU J 48 80.00 17.19 85.38
C LEU J 48 79.69 17.41 83.90
N LYS J 49 80.34 16.65 83.02
CA LYS J 49 80.09 16.78 81.58
C LYS J 49 78.70 16.27 81.18
N GLU J 50 78.38 15.05 81.60
CA GLU J 50 77.05 14.46 81.35
C GLU J 50 75.96 15.41 81.81
N ARG J 51 76.21 16.06 82.95
CA ARG J 51 75.32 17.07 83.54
C ARG J 51 75.17 18.30 82.64
N ILE J 52 76.28 18.77 82.08
CA ILE J 52 76.30 19.97 81.23
C ILE J 52 75.86 19.65 79.79
N TRP J 53 76.33 18.52 79.27
CA TRP J 53 75.96 18.06 77.92
C TRP J 53 74.45 17.85 77.80
N ILE J 54 73.83 17.31 78.85
CA ILE J 54 72.38 17.10 78.91
C ILE J 54 71.61 18.41 78.73
N GLY J 55 72.09 19.48 79.36
CA GLY J 55 71.46 20.78 79.32
C GLY J 55 71.57 21.45 77.95
N LEU J 56 72.78 21.45 77.38
CA LEU J 56 73.03 22.01 76.06
C LEU J 56 72.25 21.27 74.97
N ASN J 57 72.07 19.96 75.16
CA ASN J 57 71.42 19.11 74.17
C ASN J 57 70.03 18.64 74.57
N ALA J 58 69.45 19.24 75.62
CA ALA J 58 68.06 18.99 76.01
C ALA J 58 67.12 19.41 74.88
N ASP J 59 67.67 20.23 73.98
CA ASP J 59 67.07 20.55 72.70
C ASP J 59 67.00 19.29 71.84
N PHE J 60 68.17 18.70 71.56
CA PHE J 60 68.27 17.46 70.78
C PHE J 60 67.48 16.31 71.39
N LEU J 61 67.59 16.17 72.71
CA LEU J 61 67.10 15.00 73.46
C LEU J 61 65.58 14.82 73.48
N LEU J 62 64.84 15.88 73.16
CA LEU J 62 63.37 15.80 73.14
C LEU J 62 62.83 15.25 71.81
N GLU J 63 63.42 15.67 70.69
CA GLU J 63 63.07 15.15 69.36
C GLU J 63 63.42 13.67 69.25
N GLN J 64 64.49 13.27 69.92
CA GLN J 64 64.93 11.87 69.95
C GLN J 64 64.04 11.04 70.86
N GLU J 65 63.50 11.67 71.91
CA GLU J 65 62.55 11.02 72.80
C GLU J 65 61.17 10.92 72.14
N SER J 66 60.90 11.83 71.20
CA SER J 66 59.68 11.80 70.40
C SER J 66 59.83 10.86 69.19
N LYS J 67 61.08 10.59 68.81
CA LYS J 67 61.40 9.57 67.82
C LYS J 67 61.21 8.18 68.42
N ARG J 68 61.24 8.11 69.74
CA ARG J 68 60.91 6.90 70.50
C ARG J 68 59.38 6.68 70.57
N LEU J 69 58.63 7.75 70.30
CA LEU J 69 57.16 7.71 70.31
C LEU J 69 56.57 7.34 68.94
N LYS J 70 57.26 7.76 67.87
CA LYS J 70 56.91 7.38 66.50
C LYS J 70 57.29 5.92 66.24
N GLN J 71 58.19 5.40 67.08
CA GLN J 71 58.69 4.04 66.99
C GLN J 71 57.92 3.04 67.88
N GLU J 72 56.98 3.55 68.67
CA GLU J 72 56.20 2.70 69.58
C GLU J 72 54.87 2.27 68.97
N SER K 1 7.12 -2.57 -9.78
CA SER K 1 6.43 -1.26 -9.80
C SER K 1 5.15 -1.67 -9.22
N GLY K 2 4.35 -2.40 -10.02
CA GLY K 2 2.96 -2.74 -9.74
C GLY K 2 2.69 -3.47 -8.44
N ILE K 3 3.33 -3.00 -7.38
CA ILE K 3 3.43 -3.73 -6.14
C ILE K 3 3.54 -2.71 -5.04
N VAL K 4 3.05 -3.09 -3.86
CA VAL K 4 3.13 -2.25 -2.70
C VAL K 4 3.31 -3.14 -1.45
N PRO K 5 4.47 -3.02 -0.81
CA PRO K 5 4.88 -3.92 0.27
C PRO K 5 3.92 -3.92 1.46
N THR K 6 3.39 -5.09 1.78
CA THR K 6 2.57 -5.15 2.98
C THR K 6 3.51 -5.02 4.17
N LEU K 7 2.96 -4.56 5.29
CA LEU K 7 3.77 -4.23 6.45
C LEU K 7 3.67 -5.41 7.35
N GLN K 8 4.80 -6.01 7.66
CA GLN K 8 4.74 -7.17 8.55
C GLN K 8 4.97 -6.88 10.01
N ASN K 9 5.67 -5.80 10.34
CA ASN K 9 6.15 -5.52 11.70
C ASN K 9 6.48 -4.05 12.03
N ILE K 10 5.81 -3.51 13.03
CA ILE K 10 6.08 -2.15 13.46
C ILE K 10 6.45 -2.19 14.94
N VAL K 11 7.59 -1.57 15.27
CA VAL K 11 8.07 -1.48 16.63
C VAL K 11 7.99 -0.03 17.11
N ALA K 12 7.28 0.22 18.20
CA ALA K 12 7.16 1.58 18.73
C ALA K 12 7.38 1.68 20.26
N THR K 13 7.55 2.90 20.77
CA THR K 13 7.89 3.16 22.18
C THR K 13 6.88 4.06 22.85
N VAL K 14 6.66 3.89 24.14
CA VAL K 14 5.72 4.73 24.86
C VAL K 14 6.25 5.04 26.24
N THR K 15 6.14 6.29 26.66
CA THR K 15 6.56 6.69 27.99
C THR K 15 5.34 6.82 28.87
N LEU K 16 5.11 5.81 29.71
CA LEU K 16 4.04 5.87 30.70
C LEU K 16 4.20 7.01 31.73
N GLY K 17 5.42 7.51 31.91
CA GLY K 17 5.64 8.74 32.64
C GLY K 17 5.58 8.64 34.14
N CYS K 18 5.64 7.42 34.65
CA CYS K 18 5.80 7.16 36.08
C CYS K 18 6.65 5.91 36.25
N ARG K 19 7.51 5.91 37.25
CA ARG K 19 8.20 4.69 37.65
C ARG K 19 7.16 3.67 38.07
N LEU K 20 7.43 2.40 37.81
CA LEU K 20 6.47 1.38 38.20
C LEU K 20 7.17 0.11 38.67
N ASP K 21 6.51 -0.61 39.58
CA ASP K 21 7.05 -1.83 40.17
C ASP K 21 6.72 -3.01 39.28
N LEU K 22 7.75 -3.69 38.81
CA LEU K 22 7.58 -4.73 37.80
C LEU K 22 6.95 -6.01 38.32
N LYS K 23 7.22 -6.32 39.59
CA LYS K 23 6.68 -7.48 40.28
C LYS K 23 5.17 -7.31 40.50
N THR K 24 4.74 -6.10 40.83
CA THR K 24 3.32 -5.80 40.95
C THR K 24 2.54 -5.97 39.66
N VAL K 25 3.05 -5.43 38.54
CA VAL K 25 2.36 -5.57 37.26
C VAL K 25 2.30 -7.02 36.82
N ALA K 26 3.41 -7.74 36.97
CA ALA K 26 3.44 -9.14 36.52
C ALA K 26 2.43 -9.98 37.28
N LEU K 27 2.30 -9.71 38.58
CA LEU K 27 1.42 -10.48 39.43
C LEU K 27 -0.05 -10.05 39.34
N HIS K 28 -0.34 -9.01 38.57
CA HIS K 28 -1.73 -8.59 38.39
C HIS K 28 -2.23 -8.67 36.97
N ALA K 29 -1.35 -9.09 36.06
CA ALA K 29 -1.64 -9.08 34.63
C ALA K 29 -1.56 -10.45 33.94
N ARG K 30 -2.68 -10.84 33.32
CA ARG K 30 -2.94 -12.15 32.70
C ARG K 30 -1.72 -12.80 32.09
N ASN K 31 -1.44 -12.44 30.85
CA ASN K 31 -0.27 -12.95 30.19
C ASN K 31 0.77 -11.88 30.41
N ALA K 32 1.86 -12.23 31.08
CA ALA K 32 2.85 -11.26 31.54
C ALA K 32 3.93 -12.02 32.22
N GLU K 33 4.92 -12.45 31.44
CA GLU K 33 6.05 -13.16 32.02
C GLU K 33 6.97 -12.06 32.57
N TYR K 34 7.58 -12.29 33.74
CA TYR K 34 8.57 -11.39 34.30
C TYR K 34 9.68 -12.18 34.98
N ASN K 35 10.89 -12.12 34.43
CA ASN K 35 12.02 -12.83 35.00
C ASN K 35 13.26 -11.92 35.13
N PRO K 36 13.44 -11.31 36.29
CA PRO K 36 14.52 -10.34 36.49
C PRO K 36 15.87 -10.88 36.06
N LYS K 37 16.37 -11.95 36.69
CA LYS K 37 17.66 -12.56 36.33
C LYS K 37 17.88 -12.64 34.81
N ARG K 38 16.80 -12.90 34.07
CA ARG K 38 16.85 -13.21 32.66
C ARG K 38 16.80 -11.93 31.82
N PHE K 39 15.74 -11.15 32.04
CA PHE K 39 15.55 -9.90 31.35
C PHE K 39 14.81 -8.89 32.22
N ALA K 40 15.22 -7.63 32.13
CA ALA K 40 14.85 -6.59 33.08
C ALA K 40 13.56 -5.83 32.72
N ALA K 41 12.51 -6.60 32.41
CA ALA K 41 11.20 -6.04 32.02
C ALA K 41 10.07 -7.07 32.20
N VAL K 42 8.83 -6.60 32.08
CA VAL K 42 7.68 -7.46 32.25
C VAL K 42 7.13 -7.67 30.87
N ILE K 43 7.31 -8.87 30.31
CA ILE K 43 6.89 -9.13 28.93
C ILE K 43 5.42 -9.47 28.99
N MET K 44 4.58 -8.57 28.49
CA MET K 44 3.12 -8.70 28.52
C MET K 44 2.52 -8.70 27.12
N ARG K 45 1.42 -9.45 26.88
CA ARG K 45 0.79 -9.50 25.52
C ARG K 45 -0.73 -9.46 25.52
N ILE K 46 -1.29 -8.91 24.43
CA ILE K 46 -2.74 -8.82 24.21
C ILE K 46 -3.10 -9.52 22.88
N ARG K 47 -4.25 -10.21 22.90
CA ARG K 47 -4.77 -10.92 21.73
C ARG K 47 -4.95 -10.02 20.50
N GLU K 48 -5.37 -8.77 20.70
CA GLU K 48 -5.73 -7.88 19.58
C GLU K 48 -5.53 -6.37 19.89
N PRO K 49 -4.80 -5.65 19.04
CA PRO K 49 -4.14 -6.23 17.86
C PRO K 49 -2.92 -7.05 18.27
N LYS K 50 -2.85 -8.33 17.90
CA LYS K 50 -1.77 -9.19 18.38
C LYS K 50 -0.43 -8.48 18.38
N THR K 51 0.11 -8.28 19.59
CA THR K 51 1.41 -7.63 19.79
C THR K 51 2.10 -8.25 21.01
N THR K 52 3.23 -7.68 21.41
CA THR K 52 3.96 -8.13 22.60
C THR K 52 4.70 -6.89 23.07
N ALA K 53 4.57 -6.61 24.38
CA ALA K 53 5.09 -5.36 24.94
C ALA K 53 6.17 -5.55 25.98
N LEU K 54 7.22 -4.73 25.87
CA LEU K 54 8.34 -4.76 26.79
C LEU K 54 8.21 -3.58 27.74
N ILE K 55 8.01 -3.86 29.03
CA ILE K 55 7.52 -2.83 29.94
C ILE K 55 8.50 -2.59 31.08
N PHE K 56 9.25 -1.51 31.00
CA PHE K 56 10.42 -1.35 31.86
C PHE K 56 10.16 -0.71 33.23
N ALA K 57 11.01 -1.06 34.19
CA ALA K 57 10.93 -0.52 35.53
C ALA K 57 10.69 0.99 35.58
N SER K 58 11.38 1.73 34.72
CA SER K 58 11.22 3.20 34.67
C SER K 58 9.76 3.54 34.40
N GLY K 59 9.39 3.68 33.13
CA GLY K 59 8.00 3.80 32.75
C GLY K 59 7.90 3.58 31.28
N LYS K 60 9.06 3.59 30.63
CA LYS K 60 9.15 3.44 29.20
C LYS K 60 8.70 2.05 28.85
N MET K 61 8.01 1.97 27.72
CA MET K 61 7.46 0.74 27.20
C MET K 61 7.86 0.64 25.73
N VAL K 62 8.11 -0.59 25.27
CA VAL K 62 8.31 -0.91 23.85
C VAL K 62 7.19 -1.85 23.39
N VAL K 63 6.44 -1.47 22.37
CA VAL K 63 5.42 -2.34 21.79
C VAL K 63 5.76 -2.81 20.34
N THR K 64 5.81 -4.14 20.14
CA THR K 64 6.24 -4.72 18.87
C THR K 64 5.26 -5.73 18.34
N GLY K 65 5.42 -6.08 17.07
CA GLY K 65 4.65 -7.15 16.46
C GLY K 65 3.32 -6.71 15.90
N ALA K 66 3.04 -5.42 15.97
CA ALA K 66 1.89 -4.88 15.29
C ALA K 66 2.08 -4.94 13.78
N LYS K 67 0.94 -5.03 13.10
CA LYS K 67 0.83 -5.22 11.67
C LYS K 67 0.67 -3.88 10.94
N SER K 68 0.15 -2.89 11.67
CA SER K 68 -0.13 -1.56 11.12
C SER K 68 0.01 -0.44 12.14
N GLU K 69 0.36 0.76 11.67
CA GLU K 69 0.65 1.88 12.58
C GLU K 69 -0.40 2.11 13.65
N ASP K 70 -1.67 2.16 13.25
CA ASP K 70 -2.78 2.34 14.21
C ASP K 70 -2.88 1.15 15.12
N ASP K 71 -2.71 -0.05 14.58
CA ASP K 71 -2.65 -1.23 15.42
C ASP K 71 -1.60 -0.97 16.49
N SER K 72 -0.38 -0.65 16.08
CA SER K 72 0.67 -0.26 17.01
C SER K 72 0.16 0.66 18.14
N LYS K 73 -0.37 1.80 17.74
CA LYS K 73 -0.81 2.82 18.68
C LYS K 73 -1.87 2.24 19.62
N LEU K 74 -3.02 1.87 19.07
CA LEU K 74 -4.09 1.23 19.82
C LEU K 74 -3.58 0.17 20.78
N ALA K 75 -2.68 -0.68 20.29
CA ALA K 75 -2.12 -1.74 21.11
C ALA K 75 -1.41 -1.10 22.28
N SER K 76 -0.52 -0.14 21.98
CA SER K 76 0.15 0.63 23.03
C SER K 76 -0.82 1.23 24.03
N ARG K 77 -1.97 1.73 23.57
CA ARG K 77 -2.92 2.40 24.48
C ARG K 77 -3.50 1.41 25.46
N LYS K 78 -3.76 0.19 24.99
CA LYS K 78 -4.29 -0.87 25.84
C LYS K 78 -3.25 -1.29 26.84
N TYR K 79 -2.00 -1.37 26.41
CA TYR K 79 -0.96 -1.70 27.37
C TYR K 79 -0.97 -0.68 28.52
N ALA K 80 -0.91 0.59 28.12
CA ALA K 80 -0.94 1.72 29.02
C ALA K 80 -2.16 1.63 29.92
N ARG K 81 -3.32 1.41 29.31
CA ARG K 81 -4.58 1.24 30.01
C ARG K 81 -4.54 0.10 31.04
N ILE K 82 -3.86 -1.00 30.70
CA ILE K 82 -3.77 -2.12 31.65
C ILE K 82 -3.08 -1.65 32.92
N ILE K 83 -1.90 -1.04 32.76
CA ILE K 83 -1.16 -0.54 33.90
C ILE K 83 -1.94 0.51 34.70
N GLN K 84 -2.83 1.27 34.05
CA GLN K 84 -3.69 2.19 34.81
C GLN K 84 -4.50 1.33 35.78
N LYS K 85 -5.31 0.46 35.20
CA LYS K 85 -6.15 -0.46 35.94
C LYS K 85 -5.42 -1.14 37.09
N ILE K 86 -4.13 -1.40 36.94
CA ILE K 86 -3.33 -2.02 38.01
C ILE K 86 -3.09 -1.09 39.23
N GLY K 87 -3.28 0.21 39.05
CA GLY K 87 -2.98 1.19 40.07
C GLY K 87 -2.16 2.36 39.55
N PHE K 88 -1.02 2.06 38.95
CA PHE K 88 0.01 3.04 38.58
C PHE K 88 -0.45 4.22 37.75
N ALA K 89 0.13 5.38 38.06
CA ALA K 89 -0.30 6.67 37.56
C ALA K 89 -0.50 6.65 36.07
N ALA K 90 0.36 5.85 35.41
CA ALA K 90 0.44 5.64 33.97
C ALA K 90 -0.34 6.54 33.04
N LYS K 91 0.41 7.21 32.18
CA LYS K 91 -0.16 8.02 31.12
C LYS K 91 0.42 7.58 29.77
N PHE K 92 -0.26 7.93 28.69
CA PHE K 92 0.12 7.48 27.35
C PHE K 92 0.76 8.64 26.60
N THR K 93 2.07 8.77 26.71
CA THR K 93 2.73 9.93 26.13
C THR K 93 3.92 9.50 25.33
N ASP K 94 4.26 10.28 24.32
CA ASP K 94 5.50 10.11 23.58
C ASP K 94 5.41 8.99 22.58
N PHE K 95 4.22 8.52 22.27
CA PHE K 95 4.12 7.43 21.28
C PHE K 95 4.88 7.76 20.01
N LYS K 96 5.86 6.94 19.68
CA LYS K 96 6.68 7.10 18.47
C LYS K 96 7.00 5.75 17.82
N ILE K 97 6.72 5.64 16.52
CA ILE K 97 7.09 4.44 15.75
C ILE K 97 8.57 4.43 15.50
N GLN K 98 9.26 3.44 16.06
CA GLN K 98 10.72 3.38 16.04
C GLN K 98 11.24 2.64 14.83
N ASN K 99 10.39 1.81 14.23
CA ASN K 99 10.80 1.02 13.06
C ASN K 99 9.66 0.20 12.46
N ILE K 100 9.61 0.18 11.12
CA ILE K 100 8.57 -0.53 10.38
C ILE K 100 9.20 -1.52 9.38
N VAL K 101 8.73 -2.78 9.38
CA VAL K 101 9.19 -3.79 8.43
C VAL K 101 8.09 -4.12 7.45
N GLY K 102 8.50 -4.24 6.20
CA GLY K 102 7.63 -4.72 5.13
C GLY K 102 8.32 -5.75 4.27
N SER K 103 7.50 -6.46 3.51
CA SER K 103 8.02 -7.42 2.53
C SER K 103 7.09 -7.43 1.35
N CYS K 104 7.66 -7.75 0.20
CA CYS K 104 6.87 -8.02 -0.99
C CYS K 104 7.58 -9.07 -1.81
N ASP K 105 6.94 -9.52 -2.88
CA ASP K 105 7.52 -10.50 -3.79
C ASP K 105 7.36 -10.08 -5.26
N VAL K 106 8.48 -9.93 -5.97
CA VAL K 106 8.44 -9.50 -7.37
C VAL K 106 8.10 -10.62 -8.34
N LYS K 107 8.08 -11.85 -7.85
CA LYS K 107 7.60 -13.02 -8.59
C LYS K 107 8.45 -13.36 -9.82
N PHE K 108 9.75 -13.14 -9.68
CA PHE K 108 10.76 -13.74 -10.52
C PHE K 108 12.05 -13.87 -9.71
N PRO K 109 12.81 -14.93 -9.99
CA PRO K 109 14.22 -15.05 -9.57
C PRO K 109 15.15 -13.88 -9.93
N ILE K 110 16.14 -13.67 -9.06
CA ILE K 110 17.03 -12.51 -9.06
C ILE K 110 18.47 -13.00 -9.01
N ARG K 111 19.30 -12.51 -9.93
CA ARG K 111 20.71 -12.89 -9.97
C ARG K 111 21.55 -12.15 -8.93
N LEU K 112 21.47 -12.61 -7.68
CA LEU K 112 22.13 -11.97 -6.55
C LEU K 112 23.61 -11.65 -6.75
N GLU K 113 24.37 -12.57 -7.34
CA GLU K 113 25.79 -12.34 -7.61
C GLU K 113 26.02 -11.19 -8.60
N GLY K 114 25.10 -11.06 -9.56
CA GLY K 114 25.18 -10.04 -10.58
C GLY K 114 24.93 -8.66 -10.01
N LEU K 115 23.86 -8.52 -9.23
CA LEU K 115 23.52 -7.28 -8.53
C LEU K 115 24.63 -6.91 -7.56
N ALA K 116 25.23 -7.91 -6.95
CA ALA K 116 26.23 -7.73 -5.89
C ALA K 116 27.36 -6.86 -6.38
N PHE K 117 27.63 -6.99 -7.68
CA PHE K 117 28.76 -6.38 -8.37
C PHE K 117 28.52 -4.89 -8.69
N SER K 118 27.56 -4.61 -9.57
CA SER K 118 27.31 -3.24 -10.07
C SER K 118 26.58 -2.35 -9.08
N HIS K 119 26.73 -2.67 -7.80
CA HIS K 119 25.97 -2.05 -6.71
C HIS K 119 26.67 -2.41 -5.40
N GLY K 120 27.95 -2.79 -5.51
CA GLY K 120 28.77 -3.22 -4.38
C GLY K 120 28.93 -2.14 -3.32
N THR K 121 28.83 -0.89 -3.78
CA THR K 121 28.76 0.28 -2.91
C THR K 121 27.71 0.10 -1.81
N PHE K 122 26.62 -0.58 -2.13
CA PHE K 122 25.50 -0.75 -1.20
C PHE K 122 25.30 -2.22 -0.83
N SER K 123 25.84 -3.10 -1.68
CA SER K 123 25.63 -4.54 -1.56
C SER K 123 26.61 -5.22 -0.62
N SER K 124 26.06 -6.04 0.27
CA SER K 124 26.80 -7.04 1.03
C SER K 124 26.19 -8.41 0.77
N TYR K 125 26.99 -9.31 0.22
CA TYR K 125 26.49 -10.60 -0.23
C TYR K 125 27.52 -11.71 0.00
N GLU K 126 27.27 -12.50 1.05
CA GLU K 126 28.08 -13.66 1.36
C GLU K 126 27.13 -14.85 1.45
N PRO K 127 26.79 -15.44 0.31
CA PRO K 127 25.78 -16.48 0.24
C PRO K 127 26.01 -17.68 1.15
N GLU K 128 27.27 -18.00 1.49
CA GLU K 128 27.51 -19.10 2.41
C GLU K 128 27.23 -18.75 3.88
N LEU K 129 26.97 -17.48 4.18
CA LEU K 129 26.70 -17.05 5.54
C LEU K 129 25.26 -16.57 5.70
N PHE K 130 24.70 -15.99 4.65
CA PHE K 130 23.29 -15.63 4.63
C PHE K 130 22.79 -15.61 3.20
N PRO K 131 21.78 -16.41 2.90
CA PRO K 131 21.34 -16.63 1.52
C PRO K 131 20.78 -15.37 0.87
N GLY K 132 20.72 -14.29 1.63
CA GLY K 132 20.17 -13.04 1.13
C GLY K 132 21.23 -11.98 0.95
N LEU K 133 20.97 -11.06 0.02
CA LEU K 133 21.81 -9.89 -0.20
C LEU K 133 21.23 -8.75 0.61
N ILE K 134 22.06 -8.13 1.45
CA ILE K 134 21.68 -6.98 2.25
C ILE K 134 21.97 -5.76 1.43
N TYR K 135 20.94 -5.03 1.03
CA TYR K 135 21.14 -3.81 0.24
C TYR K 135 20.95 -2.60 1.12
N ARG K 136 22.00 -1.80 1.22
CA ARG K 136 22.00 -0.66 2.14
C ARG K 136 21.85 0.69 1.45
N MET K 137 20.61 0.97 1.08
CA MET K 137 20.14 2.20 0.48
C MET K 137 20.36 3.42 1.39
N VAL K 138 20.61 4.59 0.80
CA VAL K 138 20.89 5.80 1.56
C VAL K 138 19.73 6.82 1.62
N LYS K 139 18.91 6.85 0.57
CA LYS K 139 17.80 7.80 0.42
C LYS K 139 16.64 7.18 -0.37
N PRO K 140 15.56 6.83 0.32
CA PRO K 140 15.48 6.88 1.79
C PRO K 140 16.48 5.92 2.44
N LYS K 141 16.72 6.09 3.73
CA LYS K 141 17.66 5.25 4.45
C LYS K 141 16.96 3.96 4.83
N ILE K 142 17.11 2.93 4.00
CA ILE K 142 16.38 1.68 4.21
C ILE K 142 17.26 0.45 3.94
N VAL K 143 17.05 -0.59 4.73
CA VAL K 143 17.82 -1.80 4.61
C VAL K 143 16.95 -2.83 3.94
N LEU K 144 17.36 -3.29 2.77
CA LEU K 144 16.59 -4.28 2.06
C LEU K 144 17.35 -5.58 1.97
N LEU K 145 16.60 -6.67 2.09
CA LEU K 145 17.12 -8.02 2.00
C LEU K 145 16.62 -8.61 0.69
N ILE K 146 17.52 -8.81 -0.25
CA ILE K 146 17.15 -9.41 -1.52
C ILE K 146 17.41 -10.91 -1.55
N PHE K 147 16.40 -11.68 -1.91
CA PHE K 147 16.54 -13.13 -2.02
C PHE K 147 16.38 -13.65 -3.45
N VAL K 148 17.17 -14.66 -3.80
CA VAL K 148 17.07 -15.31 -5.10
C VAL K 148 15.62 -15.53 -5.56
N SER K 149 14.77 -15.93 -4.61
CA SER K 149 13.39 -16.31 -4.91
C SER K 149 12.49 -15.16 -5.38
N GLY K 150 12.80 -13.96 -4.96
CA GLY K 150 12.14 -12.81 -5.53
C GLY K 150 11.50 -12.01 -4.46
N LYS K 151 11.45 -12.62 -3.29
CA LYS K 151 10.85 -12.03 -2.10
C LYS K 151 11.81 -10.98 -1.56
N ILE K 152 11.30 -9.80 -1.29
CA ILE K 152 12.12 -8.75 -0.71
C ILE K 152 11.59 -8.48 0.70
N VAL K 153 12.48 -8.13 1.61
CA VAL K 153 12.11 -7.60 2.91
C VAL K 153 12.78 -6.23 3.03
N LEU K 154 12.00 -5.22 3.45
CA LEU K 154 12.50 -3.87 3.67
C LEU K 154 12.30 -3.48 5.13
N THR K 155 13.29 -2.77 5.65
CA THR K 155 13.31 -2.42 7.05
C THR K 155 14.11 -1.17 7.33
N GLY K 156 13.84 -0.56 8.48
CA GLY K 156 14.50 0.65 8.92
C GLY K 156 13.61 1.88 8.94
N ALA K 157 12.44 1.75 8.32
CA ALA K 157 11.49 2.86 8.21
C ALA K 157 10.95 3.32 9.56
N LYS K 158 10.83 4.63 9.68
CA LYS K 158 10.08 5.21 10.78
C LYS K 158 8.68 5.57 10.29
N GLN K 159 8.44 5.35 9.01
CA GLN K 159 7.11 5.55 8.45
C GLN K 159 6.94 4.89 7.09
N ARG K 160 5.87 4.12 7.00
CA ARG K 160 5.41 3.46 5.79
C ARG K 160 5.88 4.04 4.44
N GLU K 161 5.76 5.35 4.23
CA GLU K 161 6.17 5.96 2.94
C GLU K 161 7.59 5.64 2.48
N GLU K 162 8.55 5.59 3.42
CA GLU K 162 9.95 5.24 3.12
C GLU K 162 10.00 3.81 2.58
N ILE K 163 9.19 2.92 3.15
CA ILE K 163 9.15 1.54 2.66
C ILE K 163 8.73 1.54 1.22
N TYR K 164 7.64 2.26 0.93
CA TYR K 164 7.14 2.35 -0.44
C TYR K 164 8.17 2.93 -1.38
N GLN K 165 8.69 4.11 -1.01
CA GLN K 165 9.79 4.80 -1.69
C GLN K 165 10.94 3.88 -2.06
N ALA K 166 11.50 3.23 -1.05
CA ALA K 166 12.65 2.36 -1.26
C ALA K 166 12.39 1.26 -2.29
N PHE K 167 11.22 0.61 -2.21
CA PHE K 167 10.94 -0.49 -3.16
C PHE K 167 10.82 0.04 -4.56
N GLU K 168 9.98 1.06 -4.71
CA GLU K 168 9.80 1.73 -5.98
C GLU K 168 11.13 2.08 -6.61
N ALA K 169 12.07 2.49 -5.76
CA ALA K 169 13.43 2.79 -6.15
C ALA K 169 14.24 1.55 -6.55
N ILE K 170 14.22 0.53 -5.70
CA ILE K 170 15.05 -0.66 -5.92
C ILE K 170 14.59 -1.58 -7.05
N TYR K 171 13.31 -1.49 -7.42
CA TYR K 171 12.71 -2.44 -8.36
C TYR K 171 13.35 -2.43 -9.79
N PRO K 172 13.47 -1.27 -10.43
CA PRO K 172 14.20 -1.21 -11.71
C PRO K 172 15.48 -2.03 -11.66
N VAL K 173 16.09 -2.11 -10.48
CA VAL K 173 17.31 -2.88 -10.27
C VAL K 173 17.05 -4.39 -10.17
N LEU K 174 16.03 -4.76 -9.42
CA LEU K 174 15.64 -6.18 -9.35
C LEU K 174 15.23 -6.71 -10.73
N SER K 175 14.69 -5.82 -11.55
CA SER K 175 14.30 -6.14 -12.92
C SER K 175 15.51 -6.18 -13.85
N GLU K 176 16.51 -5.36 -13.54
CA GLU K 176 17.71 -5.29 -14.36
C GLU K 176 18.45 -6.60 -14.34
N PHE K 177 18.52 -7.18 -13.16
CA PHE K 177 19.00 -8.54 -13.03
C PHE K 177 17.73 -9.38 -13.04
N ARG K 178 17.81 -10.68 -12.76
CA ARG K 178 16.70 -11.57 -13.07
C ARG K 178 17.21 -12.75 -13.90
N LYS K 179 16.91 -13.95 -13.41
CA LYS K 179 17.22 -15.16 -14.13
C LYS K 179 16.20 -15.40 -15.26
N MET K 180 16.60 -16.12 -16.29
CA MET K 180 15.68 -16.48 -17.38
C MET K 180 15.50 -17.99 -17.50
N GLY L 1 1.09 3.60 -10.15
CA GLY L 1 1.60 3.69 -11.56
C GLY L 1 2.13 2.36 -12.08
N SER L 2 2.34 2.29 -13.42
CA SER L 2 3.00 1.16 -14.09
C SER L 2 3.83 1.56 -15.30
N TYR L 3 3.30 2.35 -16.25
CA TYR L 3 4.23 2.98 -17.19
C TYR L 3 4.79 4.29 -16.63
N CYS L 4 3.91 5.27 -16.46
CA CYS L 4 4.28 6.48 -15.73
C CYS L 4 4.61 6.06 -14.27
N PRO L 5 5.73 6.57 -13.75
CA PRO L 5 6.21 6.22 -12.40
C PRO L 5 5.15 6.33 -11.33
N ARG L 6 5.29 5.52 -10.30
CA ARG L 6 4.30 5.49 -9.23
C ARG L 6 4.14 6.84 -8.59
N ASN L 7 2.91 7.33 -8.55
CA ASN L 7 2.58 8.55 -7.82
C ASN L 7 2.69 8.34 -6.31
N LEU L 8 3.95 8.21 -5.88
CA LEU L 8 4.40 8.36 -4.50
C LEU L 8 3.24 8.41 -3.54
N HIS L 9 2.58 9.57 -3.44
CA HIS L 9 1.52 9.76 -2.44
C HIS L 9 0.14 9.74 -3.05
N LEU L 10 -0.21 8.59 -3.59
CA LEU L 10 -1.61 8.24 -3.83
C LEU L 10 -1.86 7.02 -2.95
N LEU L 11 -0.77 6.39 -2.54
CA LEU L 11 -0.78 5.35 -1.51
C LEU L 11 -1.02 6.00 -0.18
N PRO L 12 -1.44 5.21 0.81
CA PRO L 12 -1.65 5.71 2.17
C PRO L 12 -0.36 6.19 2.81
N THR L 13 -0.47 6.73 4.01
CA THR L 13 0.66 7.24 4.77
C THR L 13 0.51 6.87 6.23
N THR L 14 1.65 6.62 6.88
CA THR L 14 1.66 6.33 8.31
C THR L 14 0.68 7.24 9.09
N ASP L 15 0.66 8.53 8.78
CA ASP L 15 -0.19 9.44 9.48
C ASP L 15 -1.65 9.06 9.33
N THR L 16 -2.13 8.87 8.11
CA THR L 16 -3.54 8.53 7.95
C THR L 16 -4.00 7.39 8.91
N TYR L 17 -3.12 6.44 9.19
CA TYR L 17 -3.42 5.38 10.13
C TYR L 17 -3.29 5.88 11.55
N LEU L 18 -2.17 6.50 11.89
CA LEU L 18 -1.98 7.03 13.23
C LEU L 18 -3.18 7.88 13.65
N SER L 19 -3.69 8.62 12.67
CA SER L 19 -4.84 9.49 12.84
C SER L 19 -6.18 8.77 13.07
N LYS L 20 -6.18 7.45 13.06
CA LYS L 20 -7.41 6.76 13.42
C LYS L 20 -7.50 6.36 14.91
N VAL L 21 -6.53 6.79 15.73
CA VAL L 21 -6.59 6.48 17.17
C VAL L 21 -6.31 7.63 18.19
N SER L 22 -7.08 7.63 19.27
CA SER L 22 -7.06 8.69 20.28
C SER L 22 -5.69 9.03 20.86
N ASP L 23 -5.48 10.31 21.15
CA ASP L 23 -4.20 10.82 21.59
C ASP L 23 -4.15 11.14 23.07
N ASP L 24 -5.32 11.49 23.62
CA ASP L 24 -5.51 11.81 25.01
C ASP L 24 -4.51 11.02 25.89
N PRO L 25 -3.53 11.69 26.47
CA PRO L 25 -2.54 10.99 27.28
C PRO L 25 -3.07 10.63 28.66
N ASP L 26 -4.32 11.04 28.94
CA ASP L 26 -4.88 10.91 30.28
C ASP L 26 -6.01 9.88 30.38
N ASN L 27 -7.13 10.06 29.66
CA ASN L 27 -8.20 9.07 29.73
C ASN L 27 -8.33 8.18 28.49
N LEU L 28 -7.80 6.96 28.65
CA LEU L 28 -7.73 5.89 27.65
C LEU L 28 -8.94 4.99 27.65
N GLU L 29 -10.05 5.48 28.19
CA GLU L 29 -11.30 4.72 28.27
C GLU L 29 -11.85 4.31 26.90
N ASP L 30 -11.23 4.79 25.83
CA ASP L 30 -11.64 4.45 24.48
C ASP L 30 -11.14 3.08 24.07
N VAL L 31 -10.48 2.37 24.99
CA VAL L 31 -9.96 1.04 24.69
C VAL L 31 -10.36 0.03 25.78
N ASP L 32 -11.20 0.44 26.71
CA ASP L 32 -11.75 -0.53 27.65
C ASP L 32 -12.74 -1.45 26.95
N ASP L 33 -12.94 -2.65 27.50
CA ASP L 33 -13.91 -3.64 27.00
C ASP L 33 -13.88 -4.92 27.83
N GLU L 34 -14.87 -5.81 27.65
CA GLU L 34 -14.93 -7.02 28.48
C GLU L 34 -13.57 -7.70 28.45
N GLU L 35 -13.05 -7.85 27.24
CA GLU L 35 -11.80 -8.54 27.02
C GLU L 35 -10.62 -7.88 27.72
N LEU L 36 -10.43 -6.57 27.55
CA LEU L 36 -9.23 -5.94 28.12
C LEU L 36 -9.29 -6.06 29.63
N ASN L 37 -10.48 -5.77 30.18
CA ASN L 37 -10.75 -5.93 31.59
C ASN L 37 -10.36 -7.30 32.12
N ALA L 38 -10.53 -8.34 31.31
CA ALA L 38 -10.17 -9.70 31.70
C ALA L 38 -8.67 -9.95 31.91
N HIS L 39 -7.85 -8.92 31.76
CA HIS L 39 -6.42 -9.08 31.86
C HIS L 39 -5.96 -8.79 33.26
N LEU L 40 -6.79 -8.10 34.02
CA LEU L 40 -6.52 -7.89 35.45
C LEU L 40 -6.98 -9.11 36.16
N LEU L 41 -6.06 -9.78 36.86
CA LEU L 41 -6.40 -10.91 37.72
C LEU L 41 -7.05 -10.46 39.00
N ASN L 42 -7.77 -11.36 39.66
CA ASN L 42 -8.35 -11.03 40.95
C ASN L 42 -7.52 -11.43 42.17
N GLU L 43 -8.07 -11.08 43.33
CA GLU L 43 -7.43 -11.30 44.63
C GLU L 43 -6.82 -12.69 44.73
N GLU L 44 -7.70 -13.68 44.64
CA GLU L 44 -7.34 -15.10 44.48
C GLU L 44 -6.24 -15.29 43.43
N ALA L 45 -6.57 -15.03 42.17
CA ALA L 45 -5.67 -15.35 41.07
C ALA L 45 -4.26 -14.76 41.22
N SER L 46 -4.20 -13.52 41.68
CA SER L 46 -2.94 -12.81 41.93
C SER L 46 -2.16 -13.49 43.03
N LYS L 47 -2.80 -13.62 44.20
CA LYS L 47 -2.20 -14.27 45.34
C LYS L 47 -1.55 -15.59 44.99
N LEU L 48 -2.12 -16.29 44.02
CA LEU L 48 -1.62 -17.59 43.58
C LEU L 48 -0.43 -17.41 42.68
N LYS L 49 -0.58 -16.58 41.64
CA LYS L 49 0.49 -16.28 40.69
C LYS L 49 1.70 -15.80 41.47
N GLU L 50 1.48 -15.13 42.59
CA GLU L 50 2.58 -14.67 43.39
C GLU L 50 3.25 -15.87 44.03
N ARG L 51 2.45 -16.72 44.65
CA ARG L 51 2.93 -17.94 45.28
C ARG L 51 3.91 -18.63 44.36
N ILE L 52 3.52 -18.81 43.11
CA ILE L 52 4.38 -19.44 42.13
C ILE L 52 5.60 -18.57 41.79
N TRP L 53 5.39 -17.26 41.68
CA TRP L 53 6.45 -16.35 41.23
C TRP L 53 7.66 -16.34 42.17
N ILE L 54 7.38 -16.41 43.48
CA ILE L 54 8.40 -16.45 44.51
C ILE L 54 9.19 -17.74 44.38
N GLY L 55 8.54 -18.77 43.86
CA GLY L 55 9.13 -20.08 43.75
C GLY L 55 9.96 -20.18 42.50
N LEU L 56 9.46 -19.60 41.43
CA LEU L 56 10.20 -19.56 40.20
C LEU L 56 11.47 -18.76 40.45
N ASN L 57 11.30 -17.57 41.01
CA ASN L 57 12.41 -16.65 41.12
C ASN L 57 13.15 -16.76 42.42
N ALA L 58 12.87 -17.81 43.18
CA ALA L 58 13.45 -17.98 44.52
C ALA L 58 14.94 -17.71 44.47
N ASP L 59 15.60 -18.43 43.58
CA ASP L 59 17.00 -18.24 43.27
C ASP L 59 17.42 -16.78 43.13
N PHE L 60 16.81 -16.04 42.20
CA PHE L 60 17.17 -14.64 41.99
C PHE L 60 16.93 -13.77 43.24
N LEU L 61 15.81 -14.02 43.93
CA LEU L 61 15.47 -13.24 45.13
C LEU L 61 16.52 -13.35 46.23
N LEU L 62 17.18 -14.51 46.31
CA LEU L 62 18.23 -14.79 47.29
C LEU L 62 19.51 -14.00 47.01
N GLU L 63 19.74 -13.62 45.75
CA GLU L 63 20.84 -12.73 45.37
C GLU L 63 20.55 -11.32 45.83
N GLN L 64 19.32 -10.85 45.61
CA GLN L 64 18.87 -9.54 46.09
C GLN L 64 18.93 -9.49 47.63
N GLU L 65 18.52 -10.58 48.27
CA GLU L 65 18.70 -10.75 49.69
C GLU L 65 20.20 -10.67 50.04
N SER L 66 21.02 -11.27 49.17
CA SER L 66 22.48 -11.26 49.36
C SER L 66 23.08 -9.89 49.08
N LYS L 67 22.47 -9.11 48.18
CA LYS L 67 22.89 -7.73 48.00
C LYS L 67 22.64 -6.95 49.29
N ARG L 68 21.57 -7.31 50.00
CA ARG L 68 21.26 -6.73 51.31
C ARG L 68 22.30 -7.08 52.39
N LEU L 69 23.30 -7.87 52.01
CA LEU L 69 24.45 -8.17 52.89
C LEU L 69 25.54 -7.09 52.79
N LYS L 70 25.74 -6.55 51.59
CA LYS L 70 26.63 -5.42 51.37
C LYS L 70 25.93 -4.10 51.75
N GLN L 71 24.62 -4.03 51.46
CA GLN L 71 23.76 -2.90 51.82
C GLN L 71 23.78 -2.60 53.32
N GLU L 72 24.54 -3.40 54.07
CA GLU L 72 24.68 -3.24 55.52
C GLU L 72 25.95 -2.49 55.92
N SER M 1 -5.12 -4.25 5.93
CA SER M 1 -4.40 -3.69 7.10
C SER M 1 -2.97 -4.16 7.15
N GLY M 2 -2.08 -3.21 7.00
CA GLY M 2 -0.71 -3.53 6.73
C GLY M 2 -0.61 -3.74 5.24
N ILE M 3 -1.73 -4.13 4.61
CA ILE M 3 -1.77 -4.45 3.18
C ILE M 3 -2.32 -3.24 2.38
N VAL M 4 -2.03 -3.15 1.08
CA VAL M 4 -2.74 -2.24 0.19
C VAL M 4 -2.97 -2.85 -1.19
N PRO M 5 -4.22 -2.85 -1.65
CA PRO M 5 -4.56 -3.47 -2.95
C PRO M 5 -3.93 -2.76 -4.13
N THR M 6 -3.45 -3.53 -5.08
CA THR M 6 -2.81 -2.99 -6.27
C THR M 6 -3.77 -2.97 -7.45
N LEU M 7 -3.81 -1.83 -8.16
CA LEU M 7 -4.76 -1.63 -9.26
C LEU M 7 -4.40 -2.45 -10.49
N GLN M 8 -5.35 -3.27 -10.97
CA GLN M 8 -5.06 -4.21 -12.05
C GLN M 8 -5.64 -3.78 -13.39
N ASN M 9 -6.66 -2.93 -13.34
CA ASN M 9 -7.48 -2.52 -14.49
C ASN M 9 -8.31 -1.29 -14.21
N ILE M 10 -8.08 -0.25 -15.00
CA ILE M 10 -8.81 0.99 -14.93
C ILE M 10 -9.45 1.27 -16.30
N VAL M 11 -10.78 1.34 -16.34
CA VAL M 11 -11.58 1.49 -17.58
C VAL M 11 -12.07 2.92 -17.70
N ALA M 12 -11.66 3.64 -18.75
CA ALA M 12 -12.14 5.01 -18.90
C ALA M 12 -12.76 5.34 -20.25
N THR M 13 -13.68 6.31 -20.22
CA THR M 13 -14.36 6.90 -21.38
C THR M 13 -13.72 8.24 -21.64
N VAL M 14 -13.80 8.68 -22.90
CA VAL M 14 -13.27 9.96 -23.32
C VAL M 14 -14.03 10.33 -24.60
N THR M 15 -14.42 11.59 -24.75
CA THR M 15 -15.16 12.09 -25.93
C THR M 15 -14.24 12.83 -26.90
N LEU M 16 -14.06 12.24 -28.09
CA LEU M 16 -13.19 12.79 -29.12
C LEU M 16 -13.76 14.03 -29.84
N GLY M 17 -15.09 14.16 -29.84
CA GLY M 17 -15.72 15.37 -30.32
C GLY M 17 -16.26 15.24 -31.71
N CYS M 18 -15.44 14.78 -32.64
CA CYS M 18 -15.88 14.64 -34.02
C CYS M 18 -16.46 13.27 -34.27
N ARG M 19 -17.31 13.20 -35.28
CA ARG M 19 -17.79 11.97 -35.87
C ARG M 19 -16.57 11.30 -36.50
N LEU M 20 -16.58 9.98 -36.71
CA LEU M 20 -15.38 9.33 -37.24
C LEU M 20 -15.70 8.28 -38.28
N ASP M 21 -14.85 8.16 -39.28
CA ASP M 21 -15.01 7.11 -40.26
C ASP M 21 -14.13 5.93 -39.91
N LEU M 22 -14.68 4.98 -39.15
CA LEU M 22 -13.94 3.82 -38.65
C LEU M 22 -13.06 3.16 -39.71
N LYS M 23 -13.61 2.95 -40.91
CA LYS M 23 -12.85 2.37 -42.01
C LYS M 23 -11.60 3.19 -42.32
N THR M 24 -11.72 4.52 -42.39
CA THR M 24 -10.56 5.37 -42.63
C THR M 24 -9.52 5.20 -41.53
N VAL M 25 -9.95 5.29 -40.26
CA VAL M 25 -9.01 5.19 -39.16
C VAL M 25 -8.41 3.80 -39.11
N ALA M 26 -9.17 2.78 -39.51
CA ALA M 26 -8.65 1.41 -39.42
C ALA M 26 -7.54 1.22 -40.44
N LEU M 27 -7.82 1.64 -41.67
CA LEU M 27 -6.88 1.48 -42.75
C LEU M 27 -5.65 2.34 -42.56
N HIS M 28 -5.72 3.32 -41.66
CA HIS M 28 -4.63 4.26 -41.54
C HIS M 28 -3.72 4.12 -40.34
N ALA M 29 -4.22 3.48 -39.28
CA ALA M 29 -3.50 3.30 -38.02
C ALA M 29 -2.30 2.35 -38.15
N ARG M 30 -2.19 1.31 -37.34
CA ARG M 30 -1.13 0.31 -37.55
C ARG M 30 -1.53 -0.95 -36.82
N ASN M 31 -1.94 -0.78 -35.56
CA ASN M 31 -2.50 -1.90 -34.86
C ASN M 31 -3.97 -1.61 -34.62
N ALA M 32 -4.69 -1.38 -35.72
CA ALA M 32 -6.14 -1.18 -35.70
C ALA M 32 -6.91 -2.40 -36.17
N GLU M 33 -7.71 -2.98 -35.27
CA GLU M 33 -8.61 -4.05 -35.67
C GLU M 33 -9.94 -3.43 -36.01
N TYR M 34 -10.48 -3.77 -37.18
CA TYR M 34 -11.80 -3.31 -37.55
C TYR M 34 -12.56 -4.33 -38.38
N ASN M 35 -13.65 -4.81 -37.80
CA ASN M 35 -14.46 -5.87 -38.39
C ASN M 35 -15.92 -5.54 -38.11
N PRO M 36 -16.54 -4.82 -39.03
CA PRO M 36 -17.91 -4.33 -38.83
C PRO M 36 -18.89 -5.37 -38.27
N LYS M 37 -18.97 -6.56 -38.89
CA LYS M 37 -19.94 -7.58 -38.48
C LYS M 37 -19.65 -8.12 -37.08
N ARG M 38 -18.36 -8.22 -36.77
CA ARG M 38 -17.88 -8.67 -35.48
C ARG M 38 -18.28 -7.65 -34.40
N PHE M 39 -17.78 -6.42 -34.54
CA PHE M 39 -18.03 -5.37 -33.57
C PHE M 39 -17.85 -4.01 -34.24
N ALA M 40 -18.74 -3.07 -33.93
CA ALA M 40 -18.84 -1.81 -34.70
C ALA M 40 -17.96 -0.72 -34.14
N ALA M 41 -16.69 -1.03 -33.96
CA ALA M 41 -15.76 -0.13 -33.33
C ALA M 41 -14.38 -0.53 -33.73
N VAL M 42 -13.51 0.45 -33.93
CA VAL M 42 -12.13 0.17 -34.26
C VAL M 42 -11.43 -0.19 -32.96
N ILE M 43 -11.00 -1.44 -32.82
CA ILE M 43 -10.24 -1.90 -31.66
C ILE M 43 -8.78 -1.53 -31.90
N MET M 44 -8.23 -0.67 -31.07
CA MET M 44 -6.88 -0.18 -31.30
C MET M 44 -6.00 -0.28 -30.07
N ARG M 45 -4.75 -0.69 -30.26
CA ARG M 45 -3.82 -0.92 -29.13
C ARG M 45 -2.49 -0.22 -29.30
N ILE M 46 -1.95 0.25 -28.18
CA ILE M 46 -0.57 0.75 -28.10
C ILE M 46 0.19 0.01 -26.97
N ARG M 47 1.48 -0.27 -27.16
CA ARG M 47 2.21 -0.99 -26.10
C ARG M 47 2.59 -0.20 -24.82
N GLU M 48 2.15 1.05 -24.68
CA GLU M 48 2.63 1.95 -23.59
C GLU M 48 1.84 3.26 -23.40
N PRO M 49 1.03 3.35 -22.34
CA PRO M 49 0.89 2.30 -21.33
C PRO M 49 0.04 1.20 -21.90
N LYS M 50 0.56 -0.02 -22.00
CA LYS M 50 -0.17 -1.13 -22.64
C LYS M 50 -1.66 -1.12 -22.32
N THR M 51 -2.45 -0.58 -23.24
CA THR M 51 -3.92 -0.58 -23.12
C THR M 51 -4.60 -0.85 -24.47
N THR M 52 -5.84 -1.33 -24.44
CA THR M 52 -6.64 -1.49 -25.67
C THR M 52 -7.71 -0.39 -25.69
N ALA M 53 -7.97 0.18 -26.87
CA ALA M 53 -9.06 1.13 -26.95
C ALA M 53 -10.13 0.73 -27.97
N LEU M 54 -11.39 0.90 -27.57
CA LEU M 54 -12.52 0.69 -28.44
C LEU M 54 -12.95 2.07 -28.96
N ILE M 55 -12.65 2.38 -30.21
CA ILE M 55 -13.01 3.68 -30.78
C ILE M 55 -14.30 3.50 -31.58
N PHE M 56 -15.30 4.33 -31.31
CA PHE M 56 -16.64 4.14 -31.89
C PHE M 56 -17.00 5.13 -32.97
N ALA M 57 -17.78 4.67 -33.95
CA ALA M 57 -18.16 5.48 -35.11
C ALA M 57 -18.33 6.92 -34.66
N SER M 58 -19.32 7.17 -33.79
CA SER M 58 -19.58 8.52 -33.28
C SER M 58 -18.28 9.28 -33.08
N GLY M 59 -17.65 9.11 -31.94
CA GLY M 59 -16.35 9.69 -31.69
C GLY M 59 -16.03 9.41 -30.23
N LYS M 60 -16.97 8.73 -29.57
CA LYS M 60 -16.79 8.30 -28.20
C LYS M 60 -15.86 7.10 -28.26
N MET M 61 -15.07 6.93 -27.20
CA MET M 61 -14.04 5.90 -27.19
C MET M 61 -13.81 5.39 -25.76
N VAL M 62 -13.78 4.07 -25.59
CA VAL M 62 -13.51 3.46 -24.30
C VAL M 62 -12.07 2.97 -24.32
N VAL M 63 -11.37 3.15 -23.21
CA VAL M 63 -9.93 2.91 -23.15
C VAL M 63 -9.68 1.99 -21.96
N THR M 64 -9.17 0.79 -22.23
CA THR M 64 -9.07 -0.26 -21.21
C THR M 64 -7.65 -0.74 -20.98
N GLY M 65 -7.41 -1.37 -19.82
CA GLY M 65 -6.17 -2.07 -19.56
C GLY M 65 -5.13 -1.33 -18.75
N ALA M 66 -5.31 -0.02 -18.60
CA ALA M 66 -4.35 0.81 -17.89
C ALA M 66 -4.29 0.41 -16.43
N LYS M 67 -3.14 0.69 -15.82
CA LYS M 67 -2.76 0.18 -14.52
C LYS M 67 -2.72 1.28 -13.45
N SER M 68 -2.34 2.50 -13.84
CA SER M 68 -2.57 3.68 -12.99
C SER M 68 -3.58 4.64 -13.59
N GLU M 69 -4.09 5.55 -12.78
CA GLU M 69 -5.04 6.55 -13.26
C GLU M 69 -4.45 7.32 -14.43
N ASP M 70 -3.18 7.70 -14.32
CA ASP M 70 -2.68 8.56 -15.33
C ASP M 70 -1.95 7.79 -16.42
N ASP M 71 -1.72 6.50 -16.20
CA ASP M 71 -1.40 5.65 -17.33
C ASP M 71 -2.61 5.72 -18.26
N SER M 72 -3.80 5.55 -17.68
CA SER M 72 -5.05 5.77 -18.40
C SER M 72 -5.10 7.07 -19.19
N LYS M 73 -5.11 8.20 -18.49
CA LYS M 73 -5.04 9.51 -19.14
C LYS M 73 -3.93 9.56 -20.22
N LEU M 74 -2.72 9.12 -19.88
CA LEU M 74 -1.63 9.19 -20.84
C LEU M 74 -1.99 8.43 -22.11
N ALA M 75 -2.59 7.27 -21.92
CA ALA M 75 -2.98 6.42 -23.02
C ALA M 75 -4.10 7.08 -23.83
N SER M 76 -5.12 7.57 -23.12
CA SER M 76 -6.31 8.07 -23.77
C SER M 76 -5.97 9.25 -24.65
N ARG M 77 -5.04 10.07 -24.20
CA ARG M 77 -4.50 11.15 -25.01
C ARG M 77 -3.80 10.59 -26.25
N LYS M 78 -2.91 9.61 -26.06
CA LYS M 78 -2.19 8.99 -27.19
C LYS M 78 -3.11 8.54 -28.31
N TYR M 79 -4.24 7.94 -27.97
CA TYR M 79 -5.21 7.51 -28.94
C TYR M 79 -5.77 8.73 -29.61
N ALA M 80 -6.28 9.66 -28.81
CA ALA M 80 -6.85 10.91 -29.33
C ALA M 80 -5.88 11.53 -30.32
N ARG M 81 -4.61 11.54 -29.94
CA ARG M 81 -3.54 11.99 -30.80
C ARG M 81 -3.47 11.24 -32.12
N ILE M 82 -3.68 9.93 -32.10
CA ILE M 82 -3.57 9.15 -33.35
C ILE M 82 -4.68 9.58 -34.28
N ILE M 83 -5.88 9.71 -33.73
CA ILE M 83 -7.02 10.07 -34.56
C ILE M 83 -6.75 11.43 -35.21
N GLN M 84 -6.40 12.41 -34.39
CA GLN M 84 -5.98 13.76 -34.84
C GLN M 84 -5.01 13.58 -35.97
N LYS M 85 -3.96 12.81 -35.72
CA LYS M 85 -2.89 12.61 -36.66
C LYS M 85 -3.36 12.10 -38.03
N ILE M 86 -4.28 11.13 -38.02
CA ILE M 86 -4.88 10.58 -39.22
C ILE M 86 -5.67 11.64 -39.98
N GLY M 87 -6.24 12.60 -39.28
CA GLY M 87 -6.94 13.69 -39.94
C GLY M 87 -8.28 14.17 -39.40
N PHE M 88 -8.72 13.62 -38.27
CA PHE M 88 -10.01 14.01 -37.72
C PHE M 88 -9.85 15.08 -36.65
N ALA M 89 -10.85 15.95 -36.54
CA ALA M 89 -10.84 17.07 -35.58
C ALA M 89 -10.27 16.70 -34.21
N ALA M 90 -10.87 15.68 -33.57
CA ALA M 90 -10.33 14.99 -32.40
C ALA M 90 -9.79 15.84 -31.23
N LYS M 91 -10.56 15.91 -30.15
CA LYS M 91 -10.12 16.61 -28.95
C LYS M 91 -10.10 15.67 -27.77
N PHE M 92 -9.56 16.13 -26.64
CA PHE M 92 -9.52 15.30 -25.44
C PHE M 92 -10.38 15.87 -24.30
N THR M 93 -11.63 15.42 -24.25
CA THR M 93 -12.63 15.98 -23.37
C THR M 93 -13.41 14.83 -22.79
N ASP M 94 -13.97 15.04 -21.60
CA ASP M 94 -14.78 14.07 -20.86
C ASP M 94 -13.95 12.88 -20.43
N PHE M 95 -12.68 13.05 -20.12
CA PHE M 95 -11.95 11.89 -19.65
C PHE M 95 -12.52 11.48 -18.29
N LYS M 96 -13.12 10.29 -18.23
CA LYS M 96 -13.68 9.78 -16.97
C LYS M 96 -13.43 8.29 -16.70
N ILE M 97 -12.77 8.03 -15.58
CA ILE M 97 -12.54 6.69 -15.11
C ILE M 97 -13.84 6.14 -14.57
N GLN M 98 -14.33 5.08 -15.20
CA GLN M 98 -15.59 4.43 -14.81
C GLN M 98 -15.33 3.18 -13.97
N ASN M 99 -14.32 2.39 -14.36
CA ASN M 99 -13.93 1.31 -13.49
C ASN M 99 -12.48 1.24 -13.12
N ILE M 100 -12.24 0.89 -11.86
CA ILE M 100 -10.94 0.45 -11.42
C ILE M 100 -11.13 -0.92 -10.81
N VAL M 101 -10.13 -1.78 -11.03
CA VAL M 101 -10.04 -3.08 -10.38
C VAL M 101 -8.74 -3.20 -9.60
N GLY M 102 -8.88 -3.68 -8.36
CA GLY M 102 -7.77 -3.90 -7.45
C GLY M 102 -7.72 -5.32 -6.97
N SER M 103 -6.55 -5.75 -6.51
CA SER M 103 -6.42 -7.09 -5.92
C SER M 103 -5.24 -7.18 -4.98
N CYS M 104 -5.40 -7.92 -3.88
CA CYS M 104 -4.28 -8.15 -2.98
C CYS M 104 -4.24 -9.58 -2.57
N ASP M 105 -3.45 -9.87 -1.54
CA ASP M 105 -3.26 -11.21 -1.00
C ASP M 105 -3.10 -11.19 0.52
N VAL M 106 -4.14 -11.59 1.26
CA VAL M 106 -4.09 -11.53 2.72
C VAL M 106 -3.21 -12.61 3.36
N LYS M 107 -2.68 -13.52 2.52
CA LYS M 107 -1.70 -14.52 2.93
C LYS M 107 -2.13 -15.51 4.06
N PHE M 108 -3.40 -15.90 4.04
CA PHE M 108 -3.92 -17.03 4.82
C PHE M 108 -5.23 -17.53 4.17
N PRO M 109 -5.46 -18.85 4.19
CA PRO M 109 -6.69 -19.44 3.65
C PRO M 109 -7.97 -18.95 4.31
N ILE M 110 -9.01 -18.80 3.50
CA ILE M 110 -10.30 -18.33 4.05
C ILE M 110 -11.43 -19.34 3.97
N ARG M 111 -12.11 -19.47 5.11
CA ARG M 111 -13.32 -20.25 5.25
C ARG M 111 -14.51 -19.55 4.60
N LEU M 112 -14.56 -19.54 3.28
CA LEU M 112 -15.70 -18.99 2.56
C LEU M 112 -17.00 -19.58 3.10
N GLU M 113 -16.98 -20.89 3.34
CA GLU M 113 -18.18 -21.60 3.75
C GLU M 113 -18.82 -20.86 4.92
N GLY M 114 -17.98 -20.51 5.91
CA GLY M 114 -18.40 -19.85 7.12
C GLY M 114 -18.80 -18.41 6.93
N LEU M 115 -18.03 -17.66 6.15
CA LEU M 115 -18.30 -16.24 5.91
C LEU M 115 -19.66 -16.01 5.26
N ALA M 116 -20.00 -16.84 4.27
CA ALA M 116 -21.28 -16.73 3.56
C ALA M 116 -22.43 -16.68 4.55
N PHE M 117 -22.47 -17.70 5.40
CA PHE M 117 -23.41 -17.82 6.51
C PHE M 117 -23.64 -16.50 7.24
N SER M 118 -22.57 -15.99 7.83
CA SER M 118 -22.61 -14.85 8.74
C SER M 118 -22.73 -13.53 8.01
N HIS M 119 -22.71 -13.59 6.68
CA HIS M 119 -22.81 -12.36 5.90
C HIS M 119 -23.70 -12.57 4.69
N GLY M 120 -24.63 -13.51 4.81
CA GLY M 120 -25.57 -13.85 3.76
C GLY M 120 -26.22 -12.63 3.15
N THR M 121 -26.33 -11.58 3.96
CA THR M 121 -26.91 -10.32 3.52
C THR M 121 -26.15 -9.69 2.35
N PHE M 122 -24.85 -9.96 2.25
CA PHE M 122 -24.02 -9.41 1.17
C PHE M 122 -23.17 -10.51 0.56
N SER M 123 -23.37 -11.74 1.03
CA SER M 123 -22.54 -12.86 0.57
C SER M 123 -23.23 -13.69 -0.49
N SER M 124 -22.50 -13.99 -1.56
CA SER M 124 -23.03 -14.89 -2.58
C SER M 124 -22.03 -15.99 -2.93
N TYR M 125 -22.34 -17.20 -2.47
CA TYR M 125 -21.43 -18.34 -2.59
C TYR M 125 -22.10 -19.60 -3.15
N GLU M 126 -21.78 -19.90 -4.42
CA GLU M 126 -22.19 -21.12 -5.11
C GLU M 126 -20.93 -21.82 -5.60
N PRO M 127 -20.21 -22.51 -4.72
CA PRO M 127 -18.87 -23.03 -5.03
C PRO M 127 -18.81 -23.91 -6.27
N GLU M 128 -19.90 -24.61 -6.57
CA GLU M 128 -19.90 -25.51 -7.71
C GLU M 128 -20.28 -24.79 -8.98
N LEU M 129 -20.10 -23.47 -8.98
CA LEU M 129 -20.43 -22.65 -10.13
C LEU M 129 -19.35 -21.63 -10.34
N PHE M 130 -18.85 -21.07 -9.24
CA PHE M 130 -17.67 -20.22 -9.24
C PHE M 130 -17.00 -20.30 -7.88
N PRO M 131 -15.71 -20.64 -7.84
CA PRO M 131 -15.01 -20.95 -6.60
C PRO M 131 -14.93 -19.82 -5.54
N GLY M 132 -15.23 -18.58 -5.93
CA GLY M 132 -15.10 -17.42 -5.06
C GLY M 132 -16.40 -16.85 -4.48
N LEU M 133 -16.35 -16.36 -3.25
CA LEU M 133 -17.50 -15.73 -2.63
C LEU M 133 -17.68 -14.36 -3.25
N ILE M 134 -18.89 -14.00 -3.62
CA ILE M 134 -19.09 -12.68 -4.15
C ILE M 134 -19.65 -11.80 -3.03
N TYR M 135 -18.86 -10.80 -2.62
CA TYR M 135 -19.26 -9.87 -1.56
C TYR M 135 -19.63 -8.52 -2.14
N ARG M 136 -20.88 -8.12 -1.88
CA ARG M 136 -21.42 -6.88 -2.43
C ARG M 136 -21.58 -5.84 -1.34
N MET M 137 -20.49 -5.12 -1.06
CA MET M 137 -20.44 -4.05 -0.06
C MET M 137 -21.40 -2.95 -0.45
N VAL M 138 -21.87 -2.16 0.51
CA VAL M 138 -22.74 -1.01 0.22
C VAL M 138 -22.10 0.35 0.42
N LYS M 139 -21.24 0.48 1.43
CA LYS M 139 -20.46 1.70 1.61
C LYS M 139 -19.01 1.38 1.87
N PRO M 140 -18.17 1.54 0.84
CA PRO M 140 -18.61 1.95 -0.50
C PRO M 140 -19.23 0.84 -1.32
N LYS M 141 -20.09 1.17 -2.28
CA LYS M 141 -20.59 0.19 -3.24
C LYS M 141 -19.43 -0.47 -4.02
N ILE M 142 -18.92 -1.57 -3.47
CA ILE M 142 -17.85 -2.37 -4.12
C ILE M 142 -18.15 -3.87 -4.13
N VAL M 143 -17.96 -4.49 -5.29
CA VAL M 143 -18.05 -5.93 -5.40
C VAL M 143 -16.67 -6.54 -5.14
N LEU M 144 -16.64 -7.42 -4.15
CA LEU M 144 -15.45 -8.13 -3.73
C LEU M 144 -15.54 -9.59 -4.17
N LEU M 145 -14.43 -10.13 -4.66
CA LEU M 145 -14.31 -11.55 -4.99
C LEU M 145 -13.34 -12.21 -3.99
N ILE M 146 -13.87 -13.04 -3.10
CA ILE M 146 -13.04 -13.67 -2.08
C ILE M 146 -12.78 -15.12 -2.47
N PHE M 147 -11.53 -15.57 -2.36
CA PHE M 147 -11.16 -16.93 -2.75
C PHE M 147 -10.48 -17.68 -1.61
N VAL M 148 -10.76 -18.98 -1.47
CA VAL M 148 -10.11 -19.80 -0.44
C VAL M 148 -8.64 -19.41 -0.19
N SER M 149 -7.88 -19.25 -1.27
CA SER M 149 -6.46 -18.92 -1.20
C SER M 149 -6.09 -17.70 -0.37
N GLY M 150 -7.04 -16.81 -0.14
CA GLY M 150 -6.75 -15.62 0.62
C GLY M 150 -6.47 -14.48 -0.30
N LYS M 151 -6.60 -14.75 -1.60
CA LYS M 151 -6.39 -13.75 -2.65
C LYS M 151 -7.71 -13.07 -2.97
N ILE M 152 -7.77 -11.76 -2.76
CA ILE M 152 -8.94 -10.95 -3.02
C ILE M 152 -8.82 -10.20 -4.36
N VAL M 153 -9.92 -10.12 -5.12
CA VAL M 153 -10.07 -9.10 -6.17
C VAL M 153 -11.24 -8.20 -5.80
N LEU M 154 -11.07 -6.88 -5.99
CA LEU M 154 -12.12 -5.87 -5.75
C LEU M 154 -12.43 -5.06 -6.99
N THR M 155 -13.71 -4.88 -7.29
CA THR M 155 -14.07 -4.17 -8.50
C THR M 155 -15.27 -3.28 -8.32
N GLY M 156 -15.39 -2.27 -9.19
CA GLY M 156 -16.55 -1.39 -9.22
C GLY M 156 -16.37 0.04 -8.77
N ALA M 157 -15.14 0.43 -8.46
CA ALA M 157 -14.85 1.77 -8.00
C ALA M 157 -14.62 2.78 -9.12
N LYS M 158 -15.08 4.00 -8.87
CA LYS M 158 -14.78 5.10 -9.75
C LYS M 158 -13.52 5.80 -9.21
N GLN M 159 -13.19 5.47 -7.96
CA GLN M 159 -12.04 6.06 -7.28
C GLN M 159 -11.21 5.00 -6.55
N ARG M 160 -9.90 5.08 -6.71
CA ARG M 160 -8.96 4.23 -6.03
C ARG M 160 -9.23 4.14 -4.54
N GLU M 161 -9.63 5.24 -3.92
CA GLU M 161 -9.83 5.20 -2.47
C GLU M 161 -10.96 4.27 -2.08
N GLU M 162 -11.89 4.02 -2.99
CA GLU M 162 -12.99 3.10 -2.70
C GLU M 162 -12.46 1.71 -2.52
N ILE M 163 -11.52 1.34 -3.38
CA ILE M 163 -10.87 0.05 -3.25
C ILE M 163 -10.21 -0.06 -1.87
N TYR M 164 -9.28 0.87 -1.59
CA TYR M 164 -8.56 0.85 -0.31
C TYR M 164 -9.56 0.78 0.83
N GLN M 165 -10.69 1.46 0.67
CA GLN M 165 -11.73 1.52 1.68
C GLN M 165 -12.50 0.19 1.83
N ALA M 166 -12.68 -0.54 0.73
CA ALA M 166 -13.50 -1.76 0.80
C ALA M 166 -12.67 -2.86 1.43
N PHE M 167 -11.48 -3.05 0.86
CA PHE M 167 -10.51 -3.97 1.41
C PHE M 167 -10.29 -3.74 2.92
N GLU M 168 -10.17 -2.48 3.29
CA GLU M 168 -9.88 -2.13 4.66
C GLU M 168 -10.99 -2.59 5.59
N ALA M 169 -12.24 -2.53 5.12
CA ALA M 169 -13.40 -2.83 5.97
C ALA M 169 -13.68 -4.31 6.04
N ILE M 170 -13.37 -5.02 4.97
CA ILE M 170 -13.64 -6.46 4.88
C ILE M 170 -12.57 -7.31 5.55
N TYR M 171 -11.52 -6.69 6.06
CA TYR M 171 -10.34 -7.44 6.43
C TYR M 171 -10.54 -8.20 7.75
N PRO M 172 -11.02 -7.48 8.76
CA PRO M 172 -11.64 -8.10 9.92
C PRO M 172 -12.59 -9.23 9.52
N VAL M 173 -13.36 -9.04 8.44
CA VAL M 173 -14.26 -10.08 7.93
C VAL M 173 -13.47 -11.26 7.37
N LEU M 174 -12.17 -11.11 7.21
CA LEU M 174 -11.42 -12.26 6.75
C LEU M 174 -10.77 -12.95 7.94
N SER M 175 -10.19 -12.16 8.85
CA SER M 175 -9.56 -12.73 10.02
C SER M 175 -10.62 -13.41 10.89
N GLU M 176 -11.81 -12.83 11.02
CA GLU M 176 -12.84 -13.58 11.74
C GLU M 176 -12.83 -14.99 11.14
N PHE M 177 -12.73 -15.07 9.81
CA PHE M 177 -12.91 -16.35 9.12
C PHE M 177 -11.64 -17.01 8.65
N ARG M 178 -10.51 -16.66 9.26
CA ARG M 178 -9.24 -17.35 9.03
C ARG M 178 -9.40 -18.85 9.14
N LYS M 179 -8.84 -19.56 8.16
CA LYS M 179 -8.90 -21.02 8.13
C LYS M 179 -7.91 -21.61 9.14
N MET M 180 -8.37 -21.67 10.39
CA MET M 180 -7.60 -22.09 11.56
C MET M 180 -6.78 -23.37 11.32
N LYS N 20 3.18 15.52 -14.40
CA LYS N 20 1.71 15.29 -14.44
C LYS N 20 1.21 15.39 -15.89
N VAL N 21 0.26 14.53 -16.26
CA VAL N 21 -0.23 14.48 -17.63
C VAL N 21 -1.29 15.54 -17.89
N SER N 22 -1.12 16.18 -19.04
CA SER N 22 -1.87 17.34 -19.49
C SER N 22 -3.36 17.09 -19.69
N ASP N 23 -4.16 18.07 -19.23
CA ASP N 23 -5.60 18.09 -19.43
C ASP N 23 -6.05 18.83 -20.68
N ASP N 24 -5.09 19.49 -21.33
CA ASP N 24 -5.25 20.18 -22.60
C ASP N 24 -6.13 19.43 -23.61
N PRO N 25 -7.30 19.99 -23.87
CA PRO N 25 -8.27 19.31 -24.74
C PRO N 25 -7.88 19.36 -26.21
N ASP N 26 -7.20 20.42 -26.65
CA ASP N 26 -6.87 20.64 -28.06
C ASP N 26 -5.45 20.26 -28.45
N ASN N 27 -4.53 20.41 -27.50
CA ASN N 27 -3.11 20.31 -27.76
C ASN N 27 -2.48 19.09 -27.09
N LEU N 28 -2.67 17.96 -27.76
CA LEU N 28 -2.15 16.68 -27.37
C LEU N 28 -0.69 16.48 -27.81
N GLU N 29 -0.04 17.56 -28.19
CA GLU N 29 1.32 17.50 -28.72
C GLU N 29 2.31 16.89 -27.74
N ASP N 30 1.94 16.86 -26.46
CA ASP N 30 2.81 16.34 -25.44
C ASP N 30 3.09 14.83 -25.57
N VAL N 31 2.09 14.06 -26.02
CA VAL N 31 2.24 12.61 -26.09
C VAL N 31 2.99 12.19 -27.33
N ASP N 32 3.09 13.11 -28.28
CA ASP N 32 3.85 12.93 -29.52
C ASP N 32 5.27 12.47 -29.24
N ASP N 33 5.64 11.32 -29.81
CA ASP N 33 7.00 10.77 -29.70
C ASP N 33 7.28 9.77 -30.82
N GLU N 34 8.54 9.39 -31.00
CA GLU N 34 8.92 8.63 -32.19
C GLU N 34 8.23 7.26 -32.32
N GLU N 35 8.00 6.59 -31.20
CA GLU N 35 7.18 5.38 -31.17
C GLU N 35 5.78 5.62 -31.82
N LEU N 36 5.05 6.59 -31.24
CA LEU N 36 3.63 6.82 -31.54
C LEU N 36 3.43 7.28 -32.96
N ASN N 37 4.48 7.86 -33.50
CA ASN N 37 4.44 8.34 -34.85
C ASN N 37 4.43 7.19 -35.84
N ALA N 38 5.15 6.13 -35.50
CA ALA N 38 5.20 4.95 -36.34
C ALA N 38 3.87 4.20 -36.32
N HIS N 39 2.96 4.63 -35.47
CA HIS N 39 1.65 4.00 -35.37
C HIS N 39 0.81 4.30 -36.57
N LEU N 40 1.20 5.29 -37.36
CA LEU N 40 0.46 5.69 -38.55
C LEU N 40 1.06 5.04 -39.75
N LEU N 41 0.25 4.35 -40.52
CA LEU N 41 0.74 3.74 -41.74
C LEU N 41 1.13 4.83 -42.73
N ASN N 42 2.06 4.53 -43.62
CA ASN N 42 2.31 5.44 -44.74
C ASN N 42 1.35 5.11 -45.86
N GLU N 43 1.48 5.79 -46.99
CA GLU N 43 0.59 5.58 -48.11
C GLU N 43 0.56 4.09 -48.46
N GLU N 44 1.71 3.59 -48.91
CA GLU N 44 1.88 2.21 -49.41
C GLU N 44 1.41 1.17 -48.39
N ALA N 45 1.63 1.44 -47.11
CA ALA N 45 1.22 0.56 -46.01
C ALA N 45 -0.30 0.41 -45.93
N SER N 46 -0.99 1.53 -46.06
CA SER N 46 -2.45 1.61 -45.97
C SER N 46 -3.17 1.11 -47.24
N LYS N 47 -2.71 1.48 -48.42
CA LYS N 47 -3.33 0.91 -49.62
C LYS N 47 -3.31 -0.61 -49.54
N LEU N 48 -2.23 -1.17 -48.99
CA LEU N 48 -2.11 -2.61 -48.78
C LEU N 48 -3.22 -3.09 -47.86
N LYS N 49 -3.35 -2.42 -46.71
CA LYS N 49 -4.35 -2.78 -45.72
C LYS N 49 -5.76 -2.71 -46.32
N GLU N 50 -5.97 -1.85 -47.32
CA GLU N 50 -7.29 -1.77 -47.95
C GLU N 50 -7.50 -2.96 -48.87
N ARG N 51 -6.42 -3.44 -49.48
CA ARG N 51 -6.53 -4.57 -50.38
C ARG N 51 -7.04 -5.74 -49.59
N ILE N 52 -6.39 -5.97 -48.45
CA ILE N 52 -6.76 -7.05 -47.54
C ILE N 52 -8.09 -6.77 -46.85
N TRP N 53 -8.40 -5.50 -46.59
CA TRP N 53 -9.61 -5.16 -45.85
C TRP N 53 -10.87 -5.50 -46.60
N ILE N 54 -10.97 -4.98 -47.82
CA ILE N 54 -12.01 -5.40 -48.72
C ILE N 54 -12.15 -6.94 -48.67
N GLY N 55 -11.02 -7.65 -48.79
CA GLY N 55 -11.02 -9.09 -48.84
C GLY N 55 -11.57 -9.70 -47.57
N LEU N 56 -10.99 -9.30 -46.45
CA LEU N 56 -11.42 -9.80 -45.14
C LEU N 56 -12.89 -9.59 -44.85
N ASN N 57 -13.46 -8.49 -45.33
CA ASN N 57 -14.85 -8.15 -45.03
C ASN N 57 -15.78 -8.21 -46.23
N ALA N 58 -15.34 -8.89 -47.30
CA ALA N 58 -16.09 -8.96 -48.56
C ALA N 58 -17.54 -9.39 -48.36
N ASP N 59 -17.76 -10.24 -47.36
CA ASP N 59 -19.09 -10.51 -46.82
C ASP N 59 -19.85 -9.22 -46.55
N PHE N 60 -19.57 -8.60 -45.42
CA PHE N 60 -20.22 -7.37 -44.97
C PHE N 60 -20.37 -6.31 -46.06
N LEU N 61 -19.41 -6.22 -46.98
CA LEU N 61 -19.45 -5.20 -48.04
C LEU N 61 -20.47 -5.50 -49.13
N LEU N 62 -20.77 -6.78 -49.32
CA LEU N 62 -21.84 -7.20 -50.22
C LEU N 62 -23.19 -6.90 -49.57
N GLU N 63 -23.25 -7.11 -48.25
CA GLU N 63 -24.44 -6.81 -47.45
C GLU N 63 -24.71 -5.32 -47.38
N GLN N 64 -23.64 -4.52 -47.29
CA GLN N 64 -23.75 -3.07 -47.18
C GLN N 64 -24.15 -2.41 -48.50
N GLU N 65 -23.95 -3.15 -49.59
CA GLU N 65 -24.46 -2.74 -50.89
C GLU N 65 -25.87 -3.33 -51.03
N SER N 66 -26.13 -4.41 -50.30
CA SER N 66 -27.45 -5.06 -50.32
C SER N 66 -28.49 -4.27 -49.54
N LYS N 67 -28.14 -3.87 -48.33
CA LYS N 67 -28.98 -2.98 -47.52
C LYS N 67 -29.25 -1.68 -48.27
N ARG N 68 -28.38 -1.38 -49.25
CA ARG N 68 -28.53 -0.20 -50.10
C ARG N 68 -29.49 -0.41 -51.30
N LEU N 69 -29.96 -1.64 -51.48
CA LEU N 69 -30.96 -1.97 -52.53
C LEU N 69 -32.38 -1.60 -52.08
N LYS N 70 -32.70 -1.89 -50.81
CA LYS N 70 -33.97 -1.50 -50.19
C LYS N 70 -34.07 0.02 -50.03
N GLN N 71 -32.92 0.69 -50.06
CA GLN N 71 -32.83 2.14 -50.09
C GLN N 71 -33.11 2.68 -51.51
N GLU N 72 -33.13 1.79 -52.50
CA GLU N 72 -33.56 2.17 -53.85
C GLU N 72 -35.09 2.36 -53.91
N SER O 1 -122.02 -19.13 -45.51
CA SER O 1 -123.40 -19.49 -45.90
C SER O 1 -123.94 -18.44 -46.86
N GLY O 2 -123.95 -18.74 -48.15
CA GLY O 2 -124.45 -17.83 -49.15
C GLY O 2 -123.40 -16.99 -49.88
N ILE O 3 -122.29 -16.69 -49.19
CA ILE O 3 -121.16 -16.00 -49.81
C ILE O 3 -120.04 -16.98 -50.16
N VAL O 4 -119.66 -16.96 -51.44
CA VAL O 4 -118.50 -17.68 -51.93
C VAL O 4 -117.56 -16.64 -52.50
N PRO O 5 -116.46 -16.38 -51.79
CA PRO O 5 -115.53 -15.33 -52.18
C PRO O 5 -115.16 -15.39 -53.66
N THR O 6 -115.07 -14.22 -54.28
CA THR O 6 -114.71 -14.11 -55.69
C THR O 6 -113.20 -14.10 -55.78
N LEU O 7 -112.65 -14.71 -56.83
CA LEU O 7 -111.19 -14.76 -56.99
C LEU O 7 -110.66 -13.50 -57.65
N GLN O 8 -109.70 -12.86 -56.98
CA GLN O 8 -109.25 -11.53 -57.39
C GLN O 8 -107.87 -11.53 -58.05
N ASN O 9 -106.82 -11.77 -57.30
CA ASN O 9 -105.49 -11.88 -57.90
C ASN O 9 -104.82 -13.25 -57.71
N ILE O 10 -104.24 -13.77 -58.79
CA ILE O 10 -103.48 -15.03 -58.76
C ILE O 10 -101.98 -14.81 -59.04
N VAL O 11 -101.15 -15.27 -58.13
CA VAL O 11 -99.71 -15.24 -58.31
C VAL O 11 -99.20 -16.66 -58.45
N ALA O 12 -98.44 -16.87 -59.54
CA ALA O 12 -97.87 -18.16 -59.88
C ALA O 12 -96.44 -17.97 -60.34
N THR O 13 -95.80 -19.08 -60.68
CA THR O 13 -94.50 -19.09 -61.37
C THR O 13 -94.47 -20.18 -62.43
N VAL O 14 -93.57 -20.01 -63.40
CA VAL O 14 -93.38 -20.94 -64.49
C VAL O 14 -91.89 -21.04 -64.75
N THR O 15 -91.43 -22.22 -65.15
CA THR O 15 -90.03 -22.41 -65.50
C THR O 15 -89.94 -22.63 -67.01
N LEU O 16 -88.98 -21.96 -67.63
CA LEU O 16 -88.78 -22.01 -69.09
C LEU O 16 -87.67 -22.96 -69.54
N GLY O 17 -86.66 -23.14 -68.70
CA GLY O 17 -85.63 -24.16 -68.93
C GLY O 17 -84.30 -23.72 -69.48
N CYS O 18 -84.22 -22.48 -69.97
CA CYS O 18 -83.03 -21.97 -70.66
C CYS O 18 -82.67 -20.55 -70.22
N ARG O 19 -81.37 -20.24 -70.22
CA ARG O 19 -80.88 -18.90 -69.89
C ARG O 19 -81.34 -17.86 -70.91
N LEU O 20 -81.52 -16.63 -70.47
CA LEU O 20 -82.09 -15.56 -71.30
C LEU O 20 -81.27 -14.27 -71.27
N ASP O 21 -80.89 -13.81 -72.46
CA ASP O 21 -80.30 -12.49 -72.64
C ASP O 21 -81.43 -11.46 -72.54
N LEU O 22 -81.54 -10.83 -71.36
CA LEU O 22 -82.68 -9.95 -71.04
C LEU O 22 -82.80 -8.72 -71.94
N LYS O 23 -81.68 -8.27 -72.48
CA LYS O 23 -81.64 -7.14 -73.41
C LYS O 23 -82.36 -7.48 -74.73
N THR O 24 -82.06 -8.65 -75.27
CA THR O 24 -82.65 -9.14 -76.53
C THR O 24 -84.18 -9.19 -76.51
N VAL O 25 -84.75 -9.92 -75.55
CA VAL O 25 -86.18 -10.22 -75.50
C VAL O 25 -87.07 -8.99 -75.25
N ALA O 26 -86.49 -7.95 -74.68
CA ALA O 26 -87.21 -6.69 -74.47
C ALA O 26 -87.17 -5.83 -75.73
N LEU O 27 -86.05 -5.92 -76.46
CA LEU O 27 -85.87 -5.20 -77.72
C LEU O 27 -86.46 -5.97 -78.90
N HIS O 28 -87.22 -7.02 -78.61
CA HIS O 28 -87.86 -7.82 -79.66
C HIS O 28 -89.35 -8.09 -79.39
N ALA O 29 -89.87 -7.53 -78.30
CA ALA O 29 -91.28 -7.64 -77.94
C ALA O 29 -91.92 -6.27 -77.63
N ARG O 30 -92.92 -5.90 -78.44
CA ARG O 30 -93.53 -4.57 -78.41
C ARG O 30 -93.64 -3.93 -77.03
N ASN O 31 -94.31 -4.62 -76.11
CA ASN O 31 -94.47 -4.14 -74.75
C ASN O 31 -93.75 -5.07 -73.80
N ALA O 32 -92.42 -4.92 -73.72
CA ALA O 32 -91.61 -5.78 -72.85
C ALA O 32 -90.63 -5.02 -71.94
N GLU O 33 -90.64 -3.69 -72.04
CA GLU O 33 -89.76 -2.77 -71.28
C GLU O 33 -88.87 -3.42 -70.20
N TYR O 34 -87.55 -3.28 -70.38
CA TYR O 34 -86.55 -3.85 -69.46
C TYR O 34 -85.62 -2.78 -68.89
N ASN O 35 -85.61 -2.69 -67.56
CA ASN O 35 -84.86 -1.66 -66.85
C ASN O 35 -83.94 -2.28 -65.78
N PRO O 36 -82.66 -2.44 -66.11
CA PRO O 36 -81.72 -3.25 -65.30
C PRO O 36 -81.20 -2.59 -64.01
N LYS O 37 -81.10 -1.26 -64.00
CA LYS O 37 -80.64 -0.51 -62.84
C LYS O 37 -81.66 -0.51 -61.68
N ARG O 38 -82.95 -0.70 -62.02
CA ARG O 38 -84.05 -0.68 -61.05
C ARG O 38 -84.65 -2.06 -60.76
N PHE O 39 -84.50 -2.98 -61.71
CA PHE O 39 -85.04 -4.33 -61.60
C PHE O 39 -84.24 -5.35 -62.42
N ALA O 40 -84.18 -6.59 -61.93
CA ALA O 40 -83.32 -7.62 -62.53
C ALA O 40 -84.03 -8.50 -63.56
N ALA O 41 -85.24 -8.11 -63.95
CA ALA O 41 -86.09 -8.92 -64.83
C ALA O 41 -86.62 -8.18 -66.06
N VAL O 42 -87.30 -8.92 -66.93
CA VAL O 42 -88.05 -8.36 -68.04
C VAL O 42 -89.52 -8.25 -67.64
N ILE O 43 -89.98 -7.02 -67.44
CA ILE O 43 -91.38 -6.76 -67.15
C ILE O 43 -92.11 -6.66 -68.47
N MET O 44 -92.96 -7.64 -68.72
CA MET O 44 -93.72 -7.71 -69.97
C MET O 44 -95.14 -8.18 -69.68
N ARG O 45 -96.09 -7.27 -69.84
CA ARG O 45 -97.52 -7.58 -69.64
C ARG O 45 -98.24 -7.94 -70.95
N ILE O 46 -98.88 -9.11 -70.97
CA ILE O 46 -99.73 -9.53 -72.08
C ILE O 46 -101.18 -9.12 -71.79
N ARG O 47 -101.88 -8.63 -72.82
CA ARG O 47 -103.18 -7.99 -72.59
C ARG O 47 -104.36 -8.96 -72.52
N GLU O 48 -104.18 -10.17 -73.05
CA GLU O 48 -105.24 -11.19 -72.97
C GLU O 48 -104.65 -12.56 -72.75
N PRO O 49 -104.87 -13.13 -71.56
CA PRO O 49 -105.69 -12.49 -70.53
C PRO O 49 -104.88 -11.48 -69.72
N LYS O 50 -105.41 -10.27 -69.55
CA LYS O 50 -104.71 -9.17 -68.85
C LYS O 50 -103.93 -9.67 -67.64
N THR O 51 -102.61 -9.43 -67.63
CA THR O 51 -101.71 -9.91 -66.60
C THR O 51 -100.36 -9.23 -66.71
N THR O 52 -99.54 -9.35 -65.66
CA THR O 52 -98.14 -8.93 -65.69
C THR O 52 -97.19 -10.07 -65.28
N ALA O 53 -96.14 -10.26 -66.08
CA ALA O 53 -95.16 -11.31 -65.85
C ALA O 53 -93.73 -10.78 -65.87
N LEU O 54 -93.01 -11.03 -64.78
CA LEU O 54 -91.61 -10.67 -64.70
C LEU O 54 -90.83 -11.83 -65.30
N ILE O 55 -89.76 -11.51 -66.05
CA ILE O 55 -88.87 -12.53 -66.62
C ILE O 55 -87.38 -12.26 -66.35
N PHE O 56 -86.76 -13.15 -65.56
CA PHE O 56 -85.36 -13.04 -65.16
C PHE O 56 -84.45 -13.81 -66.11
N ALA O 57 -83.16 -13.45 -66.09
CA ALA O 57 -82.15 -14.03 -66.99
C ALA O 57 -82.01 -15.55 -66.91
N SER O 58 -82.23 -16.10 -65.71
CA SER O 58 -82.16 -17.55 -65.47
C SER O 58 -83.08 -18.38 -66.36
N GLY O 59 -84.29 -17.87 -66.60
CA GLY O 59 -85.29 -18.57 -67.38
C GLY O 59 -86.50 -18.89 -66.52
N LYS O 60 -86.83 -17.99 -65.62
CA LYS O 60 -87.90 -18.21 -64.66
C LYS O 60 -88.78 -16.97 -64.57
N MET O 61 -90.09 -17.16 -64.78
CA MET O 61 -91.04 -16.05 -64.80
C MET O 61 -92.09 -16.17 -63.69
N VAL O 62 -92.73 -15.04 -63.37
CA VAL O 62 -93.79 -14.97 -62.36
C VAL O 62 -95.10 -14.42 -62.94
N VAL O 63 -96.22 -15.11 -62.68
CA VAL O 63 -97.53 -14.74 -63.23
C VAL O 63 -98.46 -14.04 -62.22
N THR O 64 -98.55 -12.71 -62.33
CA THR O 64 -99.40 -11.89 -61.48
C THR O 64 -100.61 -11.41 -62.27
N GLY O 65 -101.54 -10.73 -61.60
CA GLY O 65 -102.60 -9.99 -62.28
C GLY O 65 -103.79 -10.81 -62.70
N ALA O 66 -103.70 -12.13 -62.52
CA ALA O 66 -104.72 -13.05 -63.01
C ALA O 66 -105.89 -13.25 -62.02
N LYS O 67 -107.10 -13.26 -62.56
CA LYS O 67 -108.32 -13.49 -61.78
C LYS O 67 -108.62 -14.98 -61.67
N SER O 68 -108.41 -15.69 -62.78
CA SER O 68 -108.66 -17.14 -62.86
C SER O 68 -107.39 -17.98 -63.13
N GLU O 69 -107.42 -19.26 -62.74
CA GLU O 69 -106.24 -20.13 -62.77
C GLU O 69 -105.82 -20.64 -64.14
N ASP O 70 -106.79 -21.09 -64.94
CA ASP O 70 -106.48 -21.46 -66.33
C ASP O 70 -106.22 -20.19 -67.13
N ASP O 71 -106.74 -19.08 -66.62
CA ASP O 71 -106.41 -17.74 -67.10
C ASP O 71 -104.94 -17.46 -66.87
N SER O 72 -104.47 -17.80 -65.66
CA SER O 72 -103.04 -17.73 -65.34
C SER O 72 -102.21 -18.81 -66.04
N LYS O 73 -102.83 -19.96 -66.33
CA LYS O 73 -102.18 -21.03 -67.10
C LYS O 73 -102.10 -20.66 -68.58
N LEU O 74 -103.21 -20.16 -69.11
CA LEU O 74 -103.27 -19.64 -70.47
C LEU O 74 -102.28 -18.49 -70.64
N ALA O 75 -102.29 -17.54 -69.71
CA ALA O 75 -101.32 -16.44 -69.69
C ALA O 75 -99.87 -16.93 -69.56
N SER O 76 -99.59 -17.74 -68.54
CA SER O 76 -98.29 -18.38 -68.41
C SER O 76 -97.82 -18.91 -69.75
N ARG O 77 -98.67 -19.71 -70.38
CA ARG O 77 -98.37 -20.30 -71.69
C ARG O 77 -98.14 -19.25 -72.76
N LYS O 78 -99.06 -18.31 -72.91
CA LYS O 78 -98.91 -17.23 -73.87
C LYS O 78 -97.59 -16.50 -73.66
N TYR O 79 -97.22 -16.30 -72.40
CA TYR O 79 -95.94 -15.69 -72.05
C TYR O 79 -94.79 -16.54 -72.56
N ALA O 80 -94.83 -17.82 -72.19
CA ALA O 80 -93.84 -18.81 -72.61
C ALA O 80 -93.79 -18.94 -74.14
N ARG O 81 -94.77 -18.35 -74.80
CA ARG O 81 -94.85 -18.38 -76.26
C ARG O 81 -94.15 -17.17 -76.90
N ILE O 82 -94.38 -15.99 -76.34
CA ILE O 82 -93.70 -14.77 -76.77
C ILE O 82 -92.21 -15.04 -76.96
N ILE O 83 -91.62 -15.68 -75.95
CA ILE O 83 -90.20 -16.03 -75.93
C ILE O 83 -89.88 -17.07 -77.01
N GLN O 84 -90.74 -18.08 -77.13
CA GLN O 84 -90.62 -19.12 -78.15
C GLN O 84 -90.51 -18.51 -79.55
N LYS O 85 -91.36 -17.53 -79.82
CA LYS O 85 -91.44 -16.89 -81.14
C LYS O 85 -90.28 -15.92 -81.40
N ILE O 86 -89.68 -15.39 -80.34
CA ILE O 86 -88.59 -14.42 -80.46
C ILE O 86 -87.27 -15.06 -80.86
N GLY O 87 -87.03 -16.28 -80.36
CA GLY O 87 -85.81 -17.01 -80.69
C GLY O 87 -85.45 -18.09 -79.69
N PHE O 88 -85.56 -17.76 -78.39
CA PHE O 88 -85.27 -18.71 -77.32
C PHE O 88 -86.28 -19.84 -77.31
N ALA O 89 -85.79 -21.08 -77.33
CA ALA O 89 -86.64 -22.28 -77.41
C ALA O 89 -87.70 -22.29 -76.32
N ALA O 90 -87.29 -22.62 -75.09
CA ALA O 90 -88.14 -22.57 -73.89
C ALA O 90 -89.37 -23.47 -73.92
N LYS O 91 -89.68 -24.05 -72.76
CA LYS O 91 -90.81 -24.97 -72.63
C LYS O 91 -91.80 -24.47 -71.56
N PHE O 92 -93.01 -25.04 -71.55
CA PHE O 92 -93.98 -24.78 -70.48
C PHE O 92 -93.86 -25.84 -69.37
N THR O 93 -93.04 -25.54 -68.36
CA THR O 93 -92.78 -26.48 -67.27
C THR O 93 -92.92 -25.86 -65.88
N ASP O 94 -93.29 -26.70 -64.92
CA ASP O 94 -93.36 -26.37 -63.50
C ASP O 94 -94.32 -25.25 -63.15
N PHE O 95 -95.56 -25.43 -63.56
CA PHE O 95 -96.64 -24.53 -63.18
C PHE O 95 -96.96 -24.77 -61.71
N LYS O 96 -97.29 -23.69 -61.01
CA LYS O 96 -97.54 -23.69 -59.57
C LYS O 96 -98.02 -22.31 -59.11
N ILE O 97 -99.30 -22.22 -58.72
CA ILE O 97 -99.84 -21.00 -58.12
C ILE O 97 -99.58 -20.99 -56.61
N GLN O 98 -98.97 -19.90 -56.12
CA GLN O 98 -98.57 -19.80 -54.69
C GLN O 98 -99.28 -18.70 -53.89
N ASN O 99 -100.19 -17.98 -54.55
CA ASN O 99 -100.91 -16.85 -53.96
C ASN O 99 -102.21 -16.59 -54.71
N ILE O 100 -103.34 -16.97 -54.10
CA ILE O 100 -104.65 -16.95 -54.80
C ILE O 100 -105.71 -16.06 -54.08
N VAL O 101 -105.53 -14.73 -54.12
CA VAL O 101 -106.28 -13.76 -53.30
C VAL O 101 -107.78 -13.80 -53.56
N GLY O 102 -108.57 -13.85 -52.50
CA GLY O 102 -110.01 -13.71 -52.59
C GLY O 102 -110.51 -12.45 -51.92
N SER O 103 -111.69 -11.96 -52.31
CA SER O 103 -112.26 -10.75 -51.69
C SER O 103 -113.77 -10.63 -51.88
N CYS O 104 -114.50 -10.58 -50.77
CA CYS O 104 -115.97 -10.51 -50.83
C CYS O 104 -116.60 -9.51 -49.89
N ASP O 105 -117.94 -9.43 -49.96
CA ASP O 105 -118.74 -8.48 -49.18
C ASP O 105 -119.88 -9.17 -48.46
N VAL O 106 -119.81 -9.20 -47.12
CA VAL O 106 -120.83 -9.84 -46.29
C VAL O 106 -122.04 -8.92 -46.07
N LYS O 107 -121.82 -7.62 -46.31
CA LYS O 107 -122.90 -6.62 -46.46
C LYS O 107 -123.57 -6.22 -45.14
N PHE O 108 -122.75 -5.92 -44.14
CA PHE O 108 -123.17 -5.32 -42.87
C PHE O 108 -121.95 -4.81 -42.11
N PRO O 109 -122.14 -3.83 -41.22
CA PRO O 109 -121.02 -3.26 -40.44
C PRO O 109 -120.46 -4.22 -39.40
N ILE O 110 -119.15 -4.21 -39.22
CA ILE O 110 -118.49 -5.14 -38.33
C ILE O 110 -117.79 -4.44 -37.17
N ARG O 111 -117.96 -4.98 -35.97
CA ARG O 111 -117.20 -4.54 -34.82
C ARG O 111 -115.80 -5.16 -34.91
N LEU O 112 -114.82 -4.36 -35.33
CA LEU O 112 -113.43 -4.79 -35.42
C LEU O 112 -112.75 -4.65 -34.06
N GLU O 113 -113.11 -3.58 -33.36
CA GLU O 113 -112.68 -3.32 -31.99
C GLU O 113 -112.96 -4.55 -31.15
N GLY O 114 -114.23 -4.93 -31.03
CA GLY O 114 -114.63 -6.09 -30.27
C GLY O 114 -114.00 -7.38 -30.75
N LEU O 115 -113.82 -7.49 -32.07
CA LEU O 115 -113.22 -8.68 -32.67
C LEU O 115 -111.78 -8.82 -32.21
N ALA O 116 -111.00 -7.75 -32.35
CA ALA O 116 -109.59 -7.73 -31.97
C ALA O 116 -109.36 -8.41 -30.63
N PHE O 117 -110.39 -8.42 -29.78
CA PHE O 117 -110.31 -8.99 -28.43
C PHE O 117 -110.60 -10.49 -28.45
N SER O 118 -111.83 -10.84 -28.81
CA SER O 118 -112.34 -12.20 -28.69
C SER O 118 -111.36 -13.29 -29.12
N HIS O 119 -110.87 -13.17 -30.35
CA HIS O 119 -109.96 -14.14 -30.95
C HIS O 119 -108.57 -13.54 -31.15
N GLY O 120 -108.03 -12.98 -30.05
CA GLY O 120 -106.80 -12.22 -30.06
C GLY O 120 -105.52 -13.00 -29.95
N THR O 121 -105.61 -14.33 -30.08
CA THR O 121 -104.42 -15.19 -30.20
C THR O 121 -103.80 -14.99 -31.58
N PHE O 122 -104.61 -14.43 -32.49
CA PHE O 122 -104.16 -14.04 -33.82
C PHE O 122 -105.17 -13.08 -34.47
N SER O 123 -105.22 -11.87 -33.92
CA SER O 123 -106.05 -10.78 -34.42
C SER O 123 -105.31 -9.44 -34.30
N SER O 124 -104.64 -9.03 -35.37
CA SER O 124 -103.97 -7.73 -35.42
C SER O 124 -104.99 -6.65 -35.75
N TYR O 125 -104.95 -5.54 -35.00
CA TYR O 125 -105.82 -4.38 -35.26
C TYR O 125 -105.25 -3.10 -34.64
N GLU O 126 -104.80 -2.21 -35.51
CA GLU O 126 -104.27 -0.91 -35.10
C GLU O 126 -104.74 0.14 -36.13
N PRO O 127 -105.98 0.61 -35.98
CA PRO O 127 -106.70 1.31 -37.06
C PRO O 127 -106.07 2.65 -37.44
N GLU O 128 -105.25 3.19 -36.55
CA GLU O 128 -104.59 4.48 -36.77
C GLU O 128 -103.16 4.32 -37.28
N LEU O 129 -102.86 3.10 -37.75
CA LEU O 129 -101.68 2.82 -38.56
C LEU O 129 -102.15 2.20 -39.86
N PHE O 130 -103.26 1.46 -39.75
CA PHE O 130 -103.94 0.80 -40.87
C PHE O 130 -105.28 0.26 -40.32
N PRO O 131 -106.40 0.61 -40.96
CA PRO O 131 -107.72 0.13 -40.50
C PRO O 131 -108.00 -1.31 -40.97
N GLY O 132 -108.63 -2.10 -40.12
CA GLY O 132 -108.94 -3.47 -40.46
C GLY O 132 -108.29 -4.48 -39.54
N LEU O 133 -109.09 -5.46 -39.13
CA LEU O 133 -108.68 -6.55 -38.26
C LEU O 133 -107.92 -7.65 -39.04
N ILE O 134 -106.58 -7.56 -39.08
CA ILE O 134 -105.72 -8.59 -39.68
C ILE O 134 -105.89 -9.90 -38.90
N TYR O 135 -106.42 -10.92 -39.57
CA TYR O 135 -106.78 -12.18 -38.92
C TYR O 135 -105.94 -13.38 -39.42
N ARG O 136 -104.66 -13.41 -39.04
CA ARG O 136 -103.74 -14.46 -39.45
C ARG O 136 -104.29 -15.82 -39.04
N MET O 137 -104.56 -16.67 -40.02
CA MET O 137 -105.22 -17.97 -39.78
C MET O 137 -104.24 -19.15 -39.75
N VAL O 138 -104.55 -20.14 -38.91
CA VAL O 138 -103.71 -21.31 -38.70
C VAL O 138 -104.23 -22.54 -39.48
N LYS O 139 -105.51 -22.84 -39.34
CA LYS O 139 -106.13 -23.92 -40.10
C LYS O 139 -107.45 -23.44 -40.73
N PRO O 140 -107.42 -23.14 -42.03
CA PRO O 140 -106.20 -23.18 -42.84
C PRO O 140 -105.24 -21.99 -42.58
N LYS O 141 -104.02 -22.05 -43.12
CA LYS O 141 -103.04 -20.98 -42.93
C LYS O 141 -103.34 -19.77 -43.84
N ILE O 142 -104.46 -19.07 -43.60
CA ILE O 142 -104.95 -18.01 -44.50
C ILE O 142 -105.20 -16.66 -43.82
N VAL O 143 -104.25 -15.74 -43.95
CA VAL O 143 -104.38 -14.40 -43.36
C VAL O 143 -105.63 -13.65 -43.91
N LEU O 144 -106.24 -12.82 -43.06
CA LEU O 144 -107.45 -12.07 -43.42
C LEU O 144 -107.33 -10.57 -43.12
N LEU O 145 -108.09 -9.74 -43.83
CA LEU O 145 -107.98 -8.26 -43.75
C LEU O 145 -109.26 -7.53 -43.27
N ILE O 146 -110.26 -8.32 -42.85
CA ILE O 146 -111.58 -7.86 -42.34
C ILE O 146 -111.73 -6.34 -42.16
N PHE O 147 -112.49 -5.73 -43.07
CA PHE O 147 -112.74 -4.30 -42.99
C PHE O 147 -114.08 -4.06 -42.33
N VAL O 148 -114.22 -2.88 -41.72
CA VAL O 148 -115.38 -2.50 -40.91
C VAL O 148 -116.72 -2.52 -41.67
N SER O 149 -116.73 -1.94 -42.86
CA SER O 149 -117.93 -1.86 -43.70
C SER O 149 -118.50 -3.23 -44.10
N GLY O 150 -117.68 -4.26 -43.94
CA GLY O 150 -118.09 -5.62 -44.23
C GLY O 150 -117.16 -6.36 -45.17
N LYS O 151 -116.54 -5.64 -46.10
CA LYS O 151 -115.63 -6.21 -47.10
C LYS O 151 -114.53 -7.10 -46.49
N ILE O 152 -114.34 -8.28 -47.07
CA ILE O 152 -113.27 -9.18 -46.62
C ILE O 152 -112.29 -9.46 -47.74
N VAL O 153 -111.01 -9.46 -47.38
CA VAL O 153 -109.94 -9.94 -48.24
C VAL O 153 -109.41 -11.24 -47.62
N LEU O 154 -108.86 -12.11 -48.46
CA LEU O 154 -108.35 -13.41 -48.02
C LEU O 154 -107.29 -13.84 -49.02
N THR O 155 -106.06 -14.02 -48.55
CA THR O 155 -104.91 -14.23 -49.45
C THR O 155 -103.81 -15.11 -48.86
N GLY O 156 -102.73 -15.27 -49.62
CA GLY O 156 -101.62 -16.14 -49.23
C GLY O 156 -101.87 -17.57 -49.68
N ALA O 157 -103.13 -17.84 -49.98
CA ALA O 157 -103.66 -19.18 -50.27
C ALA O 157 -103.03 -19.88 -51.49
N LYS O 158 -102.86 -21.19 -51.36
CA LYS O 158 -102.18 -22.01 -52.37
C LYS O 158 -103.16 -22.71 -53.33
N GLN O 159 -104.37 -22.96 -52.84
CA GLN O 159 -105.48 -23.48 -53.66
C GLN O 159 -106.73 -22.60 -53.54
N ARG O 160 -107.51 -22.51 -54.61
CA ARG O 160 -108.75 -21.74 -54.58
C ARG O 160 -109.47 -22.02 -53.27
N GLU O 161 -109.87 -23.28 -53.10
CA GLU O 161 -110.52 -23.81 -51.90
C GLU O 161 -110.12 -23.10 -50.60
N GLU O 162 -108.82 -23.11 -50.30
CA GLU O 162 -108.33 -22.52 -49.06
C GLU O 162 -109.07 -21.23 -48.74
N ILE O 163 -109.40 -20.45 -49.77
CA ILE O 163 -110.23 -19.24 -49.65
C ILE O 163 -111.59 -19.53 -48.97
N TYR O 164 -112.27 -20.56 -49.46
CA TYR O 164 -113.62 -20.92 -49.02
C TYR O 164 -113.61 -21.58 -47.65
N GLN O 165 -112.65 -22.46 -47.41
CA GLN O 165 -112.41 -23.00 -46.07
C GLN O 165 -111.93 -21.89 -45.13
N ALA O 166 -111.40 -20.82 -45.72
CA ALA O 166 -110.95 -19.65 -44.96
C ALA O 166 -112.13 -18.82 -44.54
N PHE O 167 -112.81 -18.23 -45.52
CA PHE O 167 -113.96 -17.35 -45.31
C PHE O 167 -115.11 -17.95 -44.49
N GLU O 168 -115.45 -19.20 -44.81
CA GLU O 168 -116.64 -19.81 -44.23
C GLU O 168 -116.49 -20.16 -42.76
N ALA O 169 -115.32 -20.67 -42.38
CA ALA O 169 -115.07 -21.02 -40.98
C ALA O 169 -115.05 -19.79 -40.09
N ILE O 170 -114.99 -18.61 -40.70
CA ILE O 170 -114.99 -17.34 -39.97
C ILE O 170 -116.23 -16.48 -40.25
N TYR O 171 -117.11 -16.93 -41.15
CA TYR O 171 -118.34 -16.19 -41.38
C TYR O 171 -119.25 -16.04 -40.15
N PRO O 172 -119.41 -17.08 -39.34
CA PRO O 172 -120.18 -16.94 -38.09
C PRO O 172 -119.55 -15.94 -37.08
N VAL O 173 -118.22 -15.79 -37.14
CA VAL O 173 -117.46 -14.99 -36.18
C VAL O 173 -117.23 -13.52 -36.61
N LEU O 174 -117.73 -13.16 -37.78
CA LEU O 174 -117.83 -11.76 -38.17
C LEU O 174 -119.24 -11.23 -37.82
N SER O 175 -120.23 -12.10 -37.97
CA SER O 175 -121.60 -11.84 -37.55
C SER O 175 -121.72 -11.79 -36.03
N GLU O 176 -121.04 -12.71 -35.33
CA GLU O 176 -120.99 -12.67 -33.87
C GLU O 176 -120.48 -11.30 -33.40
N PHE O 177 -119.89 -10.55 -34.33
CA PHE O 177 -119.51 -9.16 -34.08
C PHE O 177 -120.16 -8.23 -35.09
N ARG O 178 -121.48 -8.33 -35.21
CA ARG O 178 -122.25 -7.45 -36.09
C ARG O 178 -122.40 -6.09 -35.42
N LYS O 179 -121.97 -5.03 -36.09
CA LYS O 179 -122.23 -3.68 -35.61
C LYS O 179 -123.71 -3.37 -35.81
N MET O 180 -124.45 -3.39 -34.71
CA MET O 180 -125.90 -3.24 -34.72
C MET O 180 -126.32 -1.78 -34.95
N LYS P 20 -110.48 -26.13 -72.65
CA LYS P 20 -109.53 -26.40 -71.53
C LYS P 20 -108.09 -26.05 -71.94
N VAL P 21 -107.40 -25.34 -71.03
CA VAL P 21 -106.02 -24.87 -71.22
C VAL P 21 -105.00 -26.00 -71.45
N SER P 22 -104.12 -25.81 -72.43
CA SER P 22 -103.14 -26.82 -72.84
C SER P 22 -102.09 -27.10 -71.74
N ASP P 23 -101.44 -28.25 -71.87
CA ASP P 23 -100.47 -28.69 -70.86
C ASP P 23 -99.11 -29.07 -71.45
N ASP P 24 -99.07 -29.22 -72.78
CA ASP P 24 -97.86 -29.58 -73.52
C ASP P 24 -96.70 -28.61 -73.22
N PRO P 25 -95.64 -29.12 -72.60
CA PRO P 25 -94.45 -28.30 -72.33
C PRO P 25 -93.69 -27.86 -73.60
N ASP P 26 -93.42 -28.79 -74.51
CA ASP P 26 -92.62 -28.52 -75.71
C ASP P 26 -93.27 -27.56 -76.70
N ASN P 27 -94.35 -28.00 -77.35
CA ASN P 27 -95.07 -27.17 -78.31
C ASN P 27 -96.18 -26.34 -77.66
N LEU P 28 -96.24 -25.06 -78.00
CA LEU P 28 -97.31 -24.17 -77.51
C LEU P 28 -98.04 -23.49 -78.68
N GLU P 29 -98.25 -24.25 -79.75
CA GLU P 29 -98.85 -23.77 -81.00
C GLU P 29 -100.34 -23.42 -80.85
N ASP P 30 -100.91 -23.73 -79.69
CA ASP P 30 -102.34 -23.56 -79.44
C ASP P 30 -102.77 -22.10 -79.26
N VAL P 31 -101.90 -21.30 -78.66
CA VAL P 31 -102.22 -19.90 -78.32
C VAL P 31 -101.76 -18.87 -79.36
N ASP P 32 -101.55 -19.33 -80.59
CA ASP P 32 -101.13 -18.48 -81.69
C ASP P 32 -102.29 -17.82 -82.42
N ASP P 33 -102.31 -16.48 -82.40
CA ASP P 33 -103.20 -15.68 -83.23
C ASP P 33 -102.52 -14.37 -83.62
N GLU P 34 -103.17 -13.57 -84.46
CA GLU P 34 -102.61 -12.29 -84.90
C GLU P 34 -102.37 -11.31 -83.76
N GLU P 35 -103.20 -11.40 -82.72
CA GLU P 35 -103.08 -10.54 -81.53
C GLU P 35 -101.79 -10.80 -80.74
N LEU P 36 -101.31 -12.04 -80.78
CA LEU P 36 -100.06 -12.42 -80.15
C LEU P 36 -98.84 -12.21 -81.06
N ASN P 37 -99.09 -11.71 -82.27
CA ASN P 37 -98.04 -11.48 -83.27
C ASN P 37 -97.52 -10.04 -83.31
N ALA P 38 -98.42 -9.08 -83.13
CA ALA P 38 -98.06 -7.65 -83.04
C ALA P 38 -97.49 -7.28 -81.66
N HIS P 39 -97.52 -8.25 -80.74
CA HIS P 39 -96.89 -8.13 -79.43
C HIS P 39 -95.37 -8.26 -79.58
N LEU P 40 -94.95 -8.88 -80.68
CA LEU P 40 -93.54 -9.03 -81.04
C LEU P 40 -92.94 -7.73 -81.59
N LEU P 41 -91.74 -7.83 -82.18
CA LEU P 41 -91.14 -6.71 -82.90
C LEU P 41 -90.46 -7.18 -84.16
N ASN P 42 -90.56 -6.38 -85.22
CA ASN P 42 -90.02 -6.73 -86.53
C ASN P 42 -88.54 -6.36 -86.69
N GLU P 43 -88.18 -5.78 -87.84
CA GLU P 43 -86.80 -5.40 -88.15
C GLU P 43 -86.57 -3.91 -87.88
N GLU P 44 -87.45 -3.09 -88.46
CA GLU P 44 -87.42 -1.64 -88.33
C GLU P 44 -87.89 -1.18 -86.95
N ALA P 45 -88.90 -1.85 -86.40
CA ALA P 45 -89.45 -1.54 -85.08
C ALA P 45 -88.53 -1.98 -83.94
N SER P 46 -87.77 -3.04 -84.17
CA SER P 46 -86.83 -3.56 -83.17
C SER P 46 -85.57 -2.70 -83.05
N LYS P 47 -85.14 -2.13 -84.18
CA LYS P 47 -84.00 -1.21 -84.21
C LYS P 47 -84.34 0.09 -83.48
N LEU P 48 -85.60 0.53 -83.59
CA LEU P 48 -86.08 1.76 -82.98
C LEU P 48 -86.18 1.67 -81.46
N LYS P 49 -86.82 0.61 -80.96
CA LYS P 49 -86.87 0.36 -79.51
C LYS P 49 -85.49 0.13 -78.92
N GLU P 50 -84.56 -0.36 -79.75
CA GLU P 50 -83.16 -0.50 -79.36
C GLU P 50 -82.50 0.86 -79.21
N ARG P 51 -82.78 1.76 -80.14
CA ARG P 51 -82.16 3.09 -80.19
C ARG P 51 -82.56 4.02 -79.03
N ILE P 52 -83.79 3.89 -78.53
CA ILE P 52 -84.23 4.67 -77.37
C ILE P 52 -83.66 4.07 -76.08
N TRP P 53 -83.56 2.75 -76.04
CA TRP P 53 -83.03 2.00 -74.90
C TRP P 53 -81.60 2.42 -74.52
N ILE P 54 -80.73 2.53 -75.53
CA ILE P 54 -79.32 2.93 -75.31
C ILE P 54 -79.22 4.40 -74.89
N GLY P 55 -80.21 5.21 -75.28
CA GLY P 55 -80.26 6.62 -74.91
C GLY P 55 -80.70 6.84 -73.48
N LEU P 56 -81.69 6.06 -73.04
CA LEU P 56 -82.22 6.17 -71.69
C LEU P 56 -81.37 5.41 -70.67
N ASN P 57 -80.60 4.43 -71.14
CA ASN P 57 -79.74 3.63 -70.27
C ASN P 57 -78.25 3.89 -70.49
N ALA P 58 -77.92 5.06 -71.02
CA ALA P 58 -76.52 5.45 -71.25
C ALA P 58 -75.77 5.58 -69.93
N ASP P 59 -76.51 5.95 -68.88
CA ASP P 59 -75.99 5.97 -67.52
C ASP P 59 -75.57 4.56 -67.07
N PHE P 60 -76.40 3.56 -67.38
CA PHE P 60 -76.16 2.18 -66.97
C PHE P 60 -75.08 1.47 -67.81
N LEU P 61 -75.04 1.74 -69.11
CA LEU P 61 -74.08 1.09 -70.01
C LEU P 61 -72.62 1.46 -69.71
N LEU P 62 -72.43 2.54 -68.94
CA LEU P 62 -71.11 2.93 -68.44
C LEU P 62 -70.87 2.46 -66.99
N GLU P 63 -71.95 2.03 -66.34
CA GLU P 63 -71.86 1.32 -65.05
C GLU P 63 -71.56 -0.15 -65.30
N GLN P 64 -71.56 -0.51 -66.60
CA GLN P 64 -71.22 -1.86 -67.05
C GLN P 64 -69.89 -1.86 -67.80
N GLU P 65 -69.40 -0.65 -68.09
CA GLU P 65 -68.07 -0.44 -68.65
C GLU P 65 -67.08 -0.16 -67.51
N SER P 66 -67.62 0.32 -66.38
CA SER P 66 -66.85 0.57 -65.17
C SER P 66 -66.37 -0.72 -64.50
N LYS P 67 -67.16 -1.78 -64.60
CA LYS P 67 -66.75 -3.11 -64.14
C LYS P 67 -65.74 -3.74 -65.10
N ARG P 68 -65.90 -3.41 -66.39
CA ARG P 68 -65.02 -3.92 -67.46
C ARG P 68 -63.62 -3.29 -67.45
N LEU P 69 -63.42 -2.30 -66.57
CA LEU P 69 -62.11 -1.69 -66.35
C LEU P 69 -61.46 -2.23 -65.06
N LYS P 70 -62.27 -2.58 -64.08
CA LYS P 70 -61.82 -3.18 -62.82
C LYS P 70 -61.29 -4.59 -63.05
N GLN P 71 -61.87 -5.28 -64.05
CA GLN P 71 -61.42 -6.58 -64.51
C GLN P 71 -60.06 -6.47 -65.20
N GLU P 72 -59.88 -5.39 -65.97
CA GLU P 72 -58.62 -5.12 -66.66
C GLU P 72 -57.48 -4.98 -65.67
#